data_6G58
#
_entry.id   6G58
#
_cell.length_a   85.543
_cell.length_b   106.767
_cell.length_c   130.835
_cell.angle_alpha   90.00
_cell.angle_beta   90.00
_cell.angle_gamma   90.00
#
_symmetry.space_group_name_H-M   'P 21 21 21'
#
loop_
_entity.id
_entity.type
_entity.pdbx_description
1 polymer 'Alanine racemase 1'
2 non-polymer '(6-but-3-ynyl-4-methyl-5-oxidanyl-pyridin-3-yl)methyl dihydrogen phosphate'
3 non-polymer 'SODIUM ION'
4 non-polymer (4S)-2-METHYL-2,4-PENTANEDIOL
5 non-polymer 'ACETATE ION'
6 non-polymer 'CHLORIDE ION'
7 non-polymer (4R)-2-METHYLPENTANE-2,4-DIOL
8 non-polymer GLYCEROL
9 water water
#
_entity_poly.entity_id   1
_entity_poly.type   'polypeptide(L)'
_entity_poly.pdbx_seq_one_letter_code
;MASWSHPQFEKGAVTSLYKKAGFSDKYYRSAYMNVDLNAVASNFKVFSTLHPNKTVMAVVKANAYGLGSVKVARHLMENG
ATFFAVATLDEAIELRMHGITAKILVLGVLPAKDIDKAIQHRVALTVPSKQWLKEAIKNISGEQEKKLWLHIKLDTGMGR
LGIKDTNTYQEVIEIIQQYEQLVFEGVFTHFACADEPGDMTTEQYQRFKDMVNEAIKPEYIHCQNSAGSLLMDCQFCNAI
RPGISLYGYYPSEYVQQKVKVHLKPSVQLIANVVQTKTLQAGESVSYGATYTATDPTTIALLPIGYADGYLRIMQGSFVN
VNGHQCEVIGRVCMDQTIVKVPDQVKAGDSVILIDNHRESPQSVEVVAEKQHTINYEVLCNLSRRLPRIYHDGDQRFVTN
ELLK
;
_entity_poly.pdbx_strand_id   A,B
#
loop_
_chem_comp.id
_chem_comp.type
_chem_comp.name
_chem_comp.formula
ACT non-polymer 'ACETATE ION' 'C2 H3 O2 -1'
CL non-polymer 'CHLORIDE ION' 'Cl -1'
EOW non-polymer '(6-but-3-ynyl-4-methyl-5-oxidanyl-pyridin-3-yl)methyl dihydrogen phosphate' 'C11 H14 N O5 P'
GOL non-polymer GLYCEROL 'C3 H8 O3'
MPD non-polymer (4S)-2-METHYL-2,4-PENTANEDIOL 'C6 H14 O2'
MRD non-polymer (4R)-2-METHYLPENTANE-2,4-DIOL 'C6 H14 O2'
NA non-polymer 'SODIUM ION' 'Na 1'
#
# COMPACT_ATOMS: atom_id res chain seq x y z
N PHE A 23 -19.99 13.09 4.84
CA PHE A 23 -19.25 12.78 6.12
C PHE A 23 -18.76 11.31 6.10
N SER A 24 -19.21 10.47 7.03
CA SER A 24 -18.77 9.05 7.16
C SER A 24 -19.13 8.11 5.94
N ASP A 25 -18.11 7.41 5.44
CA ASP A 25 -18.22 6.49 4.33
C ASP A 25 -18.85 5.18 4.84
N LYS A 26 -19.38 4.43 3.90
CA LYS A 26 -19.83 3.08 4.09
C LYS A 26 -18.68 2.16 3.73
N TYR A 27 -18.75 0.91 4.15
CA TYR A 27 -17.81 -0.11 3.70
C TYR A 27 -18.55 -1.46 3.67
N TYR A 28 -18.14 -2.31 2.76
CA TYR A 28 -18.91 -3.48 2.39
C TYR A 28 -18.11 -4.80 2.49
N ARG A 29 -17.05 -4.78 3.29
CA ARG A 29 -16.28 -5.97 3.60
C ARG A 29 -15.83 -5.83 5.03
N SER A 30 -15.95 -6.88 5.83
CA SER A 30 -15.61 -6.76 7.26
CA SER A 30 -15.62 -6.81 7.25
C SER A 30 -14.12 -7.00 7.53
N ALA A 31 -13.32 -6.06 7.06
CA ALA A 31 -11.88 -5.98 7.32
C ALA A 31 -11.55 -4.50 7.37
N TYR A 32 -10.87 -4.06 8.42
CA TYR A 32 -10.70 -2.66 8.65
C TYR A 32 -9.64 -2.41 9.68
N MET A 33 -9.19 -1.14 9.73
CA MET A 33 -8.34 -0.63 10.79
C MET A 33 -9.13 0.22 11.75
N ASN A 34 -9.01 -0.05 13.06
CA ASN A 34 -9.47 0.90 14.08
C ASN A 34 -8.31 1.84 14.36
N VAL A 35 -8.59 3.15 14.34
CA VAL A 35 -7.58 4.17 14.62
C VAL A 35 -8.08 4.97 15.80
N ASP A 36 -7.38 4.86 16.91
CA ASP A 36 -7.78 5.47 18.17
C ASP A 36 -7.17 6.89 18.21
N LEU A 37 -7.97 7.90 17.83
CA LEU A 37 -7.52 9.29 17.88
C LEU A 37 -7.23 9.79 19.30
N ASN A 38 -7.90 9.24 20.30
CA ASN A 38 -7.63 9.62 21.67
C ASN A 38 -6.23 9.19 22.09
N ALA A 39 -5.82 8.02 21.63
CA ALA A 39 -4.47 7.56 21.89
C ALA A 39 -3.44 8.48 21.24
N VAL A 40 -3.69 8.87 19.99
CA VAL A 40 -2.80 9.80 19.29
C VAL A 40 -2.67 11.14 20.05
N ALA A 41 -3.80 11.74 20.42
CA ALA A 41 -3.79 12.98 21.19
C ALA A 41 -3.05 12.81 22.52
N SER A 42 -3.25 11.66 23.16
CA SER A 42 -2.60 11.39 24.42
C SER A 42 -1.05 11.30 24.24
N ASN A 43 -0.60 10.65 23.16
CA ASN A 43 0.82 10.57 22.86
C ASN A 43 1.42 11.94 22.51
N PHE A 44 0.68 12.75 21.76
CA PHE A 44 1.07 14.13 21.49
C PHE A 44 1.27 14.93 22.80
N LYS A 45 0.36 14.78 23.76
CA LYS A 45 0.46 15.42 25.08
C LYS A 45 1.67 14.95 25.89
N VAL A 46 2.00 13.67 25.81
CA VAL A 46 3.23 13.16 26.39
C VAL A 46 4.43 13.96 25.88
N PHE A 47 4.55 14.12 24.56
CA PHE A 47 5.68 14.88 24.00
C PHE A 47 5.66 16.35 24.36
N SER A 48 4.47 16.96 24.37
CA SER A 48 4.36 18.36 24.80
CA SER A 48 4.31 18.36 24.82
C SER A 48 4.78 18.55 26.27
N THR A 49 4.48 17.58 27.10
CA THR A 49 4.84 17.59 28.52
C THR A 49 6.32 17.31 28.73
N LEU A 50 6.89 16.38 27.96
CA LEU A 50 8.35 16.17 27.98
C LEU A 50 9.17 17.40 27.55
N HIS A 51 8.62 18.20 26.64
CA HIS A 51 9.31 19.34 26.02
C HIS A 51 8.40 20.58 26.10
N PRO A 52 8.16 21.07 27.33
CA PRO A 52 7.16 22.11 27.53
C PRO A 52 7.49 23.45 26.88
N ASN A 53 8.75 23.71 26.57
CA ASN A 53 9.11 24.97 25.90
C ASN A 53 9.40 24.81 24.42
N LYS A 54 8.98 23.69 23.83
CA LYS A 54 9.19 23.46 22.42
C LYS A 54 7.85 23.29 21.66
N THR A 55 7.87 23.69 20.40
CA THR A 55 6.80 23.38 19.47
C THR A 55 6.91 21.92 19.06
N VAL A 56 5.81 21.16 19.11
CA VAL A 56 5.79 19.80 18.67
C VAL A 56 5.34 19.80 17.19
N MET A 57 6.30 19.61 16.29
CA MET A 57 6.04 19.60 14.86
C MET A 57 5.66 18.16 14.52
N ALA A 58 4.37 17.87 14.59
CA ALA A 58 3.89 16.51 14.43
C ALA A 58 4.19 16.00 12.99
N VAL A 59 4.86 14.87 12.89
CA VAL A 59 5.22 14.31 11.60
C VAL A 59 4.09 13.40 11.11
N VAL A 60 3.41 13.84 10.06
CA VAL A 60 2.26 13.14 9.51
C VAL A 60 2.49 12.75 8.04
N LYS A 61 3.77 12.60 7.68
CA LYS A 61 4.16 12.08 6.36
C LYS A 61 3.56 10.68 6.14
N ALA A 62 3.56 10.24 4.89
CA ALA A 62 3.09 8.92 4.51
C ALA A 62 1.71 8.61 5.06
N ASN A 63 0.82 9.59 4.94
CA ASN A 63 -0.55 9.45 5.39
C ASN A 63 -0.63 9.17 6.87
N ALA A 64 0.17 9.89 7.63
CA ALA A 64 0.35 9.65 9.08
C ALA A 64 0.68 8.19 9.35
N TYR A 65 1.65 7.69 8.61
CA TYR A 65 2.18 6.35 8.78
C TYR A 65 1.02 5.31 8.62
N GLY A 66 0.11 5.62 7.69
CA GLY A 66 -1.03 4.74 7.39
C GLY A 66 -2.30 5.02 8.15
N LEU A 67 -2.25 5.86 9.18
CA LEU A 67 -3.45 6.17 9.97
C LEU A 67 -4.42 7.10 9.30
N GLY A 68 -3.93 7.91 8.34
CA GLY A 68 -4.74 8.94 7.65
C GLY A 68 -4.33 10.34 8.10
N SER A 69 -3.55 11.04 7.27
CA SER A 69 -2.97 12.31 7.67
C SER A 69 -4.02 13.41 7.87
N VAL A 70 -5.07 13.42 7.07
CA VAL A 70 -6.09 14.46 7.21
C VAL A 70 -6.79 14.34 8.58
N LYS A 71 -7.27 13.15 8.91
CA LYS A 71 -7.97 12.97 10.18
C LYS A 71 -7.08 13.14 11.40
N VAL A 72 -5.86 12.62 11.31
CA VAL A 72 -4.89 12.79 12.38
C VAL A 72 -4.53 14.26 12.61
N ALA A 73 -4.25 14.99 11.53
CA ALA A 73 -3.85 16.37 11.65
C ALA A 73 -4.99 17.23 12.18
N ARG A 74 -6.22 16.99 11.72
CA ARG A 74 -7.38 17.73 12.22
C ARG A 74 -7.55 17.50 13.72
N HIS A 75 -7.43 16.25 14.16
CA HIS A 75 -7.59 15.93 15.55
C HIS A 75 -6.46 16.55 16.41
N LEU A 76 -5.24 16.51 15.90
CA LEU A 76 -4.13 17.13 16.62
C LEU A 76 -4.29 18.64 16.72
N MET A 77 -4.78 19.30 15.69
CA MET A 77 -5.07 20.74 15.76
C MET A 77 -6.09 21.05 16.85
N GLU A 78 -7.09 20.19 17.01
CA GLU A 78 -8.07 20.36 18.06
C GLU A 78 -7.46 20.20 19.45
N ASN A 79 -6.30 19.54 19.56
CA ASN A 79 -5.58 19.38 20.81
C ASN A 79 -4.32 20.27 20.89
N GLY A 80 -4.32 21.35 20.13
CA GLY A 80 -3.27 22.35 20.22
C GLY A 80 -2.10 22.28 19.26
N ALA A 81 -2.04 21.32 18.33
CA ALA A 81 -0.94 21.31 17.35
C ALA A 81 -0.98 22.52 16.42
N THR A 82 0.18 23.11 16.17
CA THR A 82 0.30 24.29 15.33
C THR A 82 1.25 24.13 14.16
N PHE A 83 1.89 22.97 14.02
CA PHE A 83 2.93 22.78 13.02
C PHE A 83 2.98 21.29 12.72
N PHE A 84 2.93 20.95 11.42
CA PHE A 84 3.07 19.60 10.90
C PHE A 84 4.24 19.53 9.93
N ALA A 85 4.81 18.34 9.79
CA ALA A 85 5.82 18.05 8.79
C ALA A 85 5.31 16.89 7.94
N VAL A 86 5.56 16.99 6.64
CA VAL A 86 5.19 15.95 5.68
C VAL A 86 6.41 15.73 4.77
N ALA A 87 6.34 14.69 3.95
CA ALA A 87 7.44 14.34 3.04
C ALA A 87 7.40 15.11 1.71
N THR A 88 6.21 15.44 1.23
CA THR A 88 6.04 15.93 -0.13
C THR A 88 5.03 17.07 -0.15
N LEU A 89 5.14 17.92 -1.16
CA LEU A 89 4.14 18.99 -1.35
C LEU A 89 2.73 18.44 -1.59
N ASP A 90 2.60 17.30 -2.27
CA ASP A 90 1.27 16.67 -2.45
C ASP A 90 0.59 16.44 -1.08
N GLU A 91 1.35 15.91 -0.14
CA GLU A 91 0.88 15.72 1.24
C GLU A 91 0.47 17.01 1.93
N ALA A 92 1.25 18.07 1.71
CA ALA A 92 0.95 19.39 2.30
C ALA A 92 -0.33 19.96 1.69
N ILE A 93 -0.46 19.85 0.37
CA ILE A 93 -1.64 20.38 -0.31
C ILE A 93 -2.87 19.57 0.11
N GLU A 94 -2.72 18.26 0.24
CA GLU A 94 -3.84 17.45 0.73
C GLU A 94 -4.37 17.95 2.10
N LEU A 95 -3.45 18.28 3.02
CA LEU A 95 -3.84 18.83 4.31
C LEU A 95 -4.59 20.17 4.14
N ARG A 96 -4.02 21.07 3.33
CA ARG A 96 -4.62 22.40 3.06
C ARG A 96 -6.00 22.31 2.42
N MET A 97 -6.17 21.40 1.48
CA MET A 97 -7.47 21.22 0.82
C MET A 97 -8.53 20.71 1.79
N HIS A 98 -8.15 20.08 2.90
CA HIS A 98 -9.13 19.54 3.88
C HIS A 98 -9.19 20.37 5.15
N GLY A 99 -8.75 21.63 5.05
CA GLY A 99 -8.99 22.63 6.06
C GLY A 99 -7.88 22.84 7.06
N ILE A 100 -6.73 22.17 6.93
CA ILE A 100 -5.62 22.36 7.87
C ILE A 100 -4.95 23.73 7.64
N THR A 101 -4.94 24.55 8.69
CA THR A 101 -4.41 25.92 8.64
C THR A 101 -3.12 26.08 9.42
N ALA A 102 -2.64 25.00 10.05
CA ALA A 102 -1.37 25.03 10.72
C ALA A 102 -0.21 25.25 9.75
N LYS A 103 0.94 25.62 10.30
CA LYS A 103 2.17 25.65 9.55
C LYS A 103 2.52 24.23 9.12
N ILE A 104 3.05 24.11 7.91
CA ILE A 104 3.45 22.80 7.36
C ILE A 104 4.83 22.94 6.72
N LEU A 105 5.74 22.04 7.07
CA LEU A 105 7.06 21.95 6.44
C LEU A 105 7.11 20.68 5.60
N VAL A 106 7.52 20.84 4.33
CA VAL A 106 7.84 19.73 3.45
C VAL A 106 9.32 19.37 3.71
N LEU A 107 9.54 18.13 4.14
CA LEU A 107 10.87 17.63 4.51
C LEU A 107 11.73 17.15 3.31
N GLY A 108 11.06 16.74 2.23
CA GLY A 108 11.76 16.39 0.99
C GLY A 108 12.11 17.62 0.17
N VAL A 109 12.82 17.39 -0.93
CA VAL A 109 13.25 18.46 -1.82
C VAL A 109 12.21 18.66 -2.93
N LEU A 110 11.59 19.84 -2.96
CA LEU A 110 10.60 20.17 -3.97
C LEU A 110 11.28 20.41 -5.31
N PRO A 111 10.75 19.84 -6.40
CA PRO A 111 11.27 20.32 -7.71
C PRO A 111 11.14 21.84 -7.87
N ALA A 112 12.22 22.49 -8.30
CA ALA A 112 12.27 23.94 -8.36
C ALA A 112 11.16 24.55 -9.21
N LYS A 113 10.73 23.84 -10.27
CA LYS A 113 9.65 24.34 -11.11
C LYS A 113 8.33 24.54 -10.39
N ASP A 114 8.14 23.85 -9.26
CA ASP A 114 6.87 23.87 -8.51
C ASP A 114 6.85 24.89 -7.36
N ILE A 115 7.88 25.73 -7.28
CA ILE A 115 8.01 26.68 -6.18
C ILE A 115 6.78 27.59 -5.96
N ASP A 116 6.15 28.06 -7.03
CA ASP A 116 4.98 28.94 -6.89
C ASP A 116 3.81 28.26 -6.15
N LYS A 117 3.66 26.94 -6.29
CA LYS A 117 2.59 26.20 -5.62
C LYS A 117 2.80 26.16 -4.12
N ALA A 118 4.05 26.02 -3.69
CA ALA A 118 4.36 26.06 -2.25
C ALA A 118 4.02 27.44 -1.70
N ILE A 119 4.38 28.49 -2.44
CA ILE A 119 4.08 29.86 -2.01
C ILE A 119 2.57 30.05 -1.93
N GLN A 120 1.87 29.67 -2.98
CA GLN A 120 0.41 29.81 -3.02
C GLN A 120 -0.27 29.15 -1.83
N HIS A 121 0.16 27.94 -1.49
CA HIS A 121 -0.45 27.17 -0.40
C HIS A 121 0.16 27.41 1.00
N ARG A 122 1.07 28.39 1.13
CA ARG A 122 1.62 28.76 2.43
C ARG A 122 2.30 27.59 3.12
N VAL A 123 3.13 26.88 2.34
CA VAL A 123 3.83 25.72 2.82
C VAL A 123 5.32 26.02 2.91
N ALA A 124 5.95 25.70 4.04
CA ALA A 124 7.39 25.91 4.20
C ALA A 124 8.14 24.77 3.51
N LEU A 125 9.30 25.10 2.95
CA LEU A 125 10.15 24.15 2.21
C LEU A 125 11.51 23.96 2.83
N THR A 126 12.04 22.78 2.63
CA THR A 126 13.40 22.42 3.00
C THR A 126 14.41 22.89 1.91
N VAL A 127 15.47 23.55 2.35
CA VAL A 127 16.59 23.94 1.49
C VAL A 127 17.74 22.95 1.68
N PRO A 128 18.04 22.13 0.65
CA PRO A 128 19.09 21.12 0.80
C PRO A 128 20.49 21.56 0.37
N SER A 129 20.59 22.66 -0.37
CA SER A 129 21.85 23.03 -1.01
C SER A 129 21.71 24.43 -1.52
N LYS A 130 22.85 25.07 -1.80
CA LYS A 130 22.85 26.40 -2.39
C LYS A 130 22.26 26.38 -3.82
N GLN A 131 22.59 25.35 -4.57
CA GLN A 131 22.18 25.23 -5.99
C GLN A 131 20.65 25.14 -6.07
N TRP A 132 20.04 24.34 -5.17
CA TRP A 132 18.58 24.24 -5.13
C TRP A 132 17.97 25.62 -4.92
N LEU A 133 18.47 26.35 -3.94
CA LEU A 133 17.90 27.67 -3.65
C LEU A 133 18.00 28.62 -4.84
N LYS A 134 19.12 28.62 -5.53
CA LYS A 134 19.27 29.46 -6.70
C LYS A 134 18.28 29.08 -7.81
N GLU A 135 18.10 27.78 -8.05
CA GLU A 135 17.10 27.32 -9.01
C GLU A 135 15.68 27.70 -8.58
N ALA A 136 15.37 27.58 -7.29
CA ALA A 136 14.04 27.92 -6.81
C ALA A 136 13.73 29.36 -7.07
N ILE A 137 14.70 30.23 -6.79
CA ILE A 137 14.58 31.68 -6.98
C ILE A 137 14.32 31.97 -8.44
N LYS A 138 15.04 31.34 -9.37
CA LYS A 138 14.79 31.55 -10.80
C LYS A 138 13.38 31.17 -11.22
N ASN A 139 12.74 30.24 -10.52
CA ASN A 139 11.39 29.80 -10.90
C ASN A 139 10.24 30.54 -10.23
N ILE A 140 10.52 31.49 -9.35
CA ILE A 140 9.48 32.33 -8.75
C ILE A 140 9.01 33.34 -9.79
N SER A 141 7.76 33.22 -10.23
CA SER A 141 7.27 34.02 -11.36
C SER A 141 6.88 35.45 -10.98
N GLY A 142 6.55 35.69 -9.71
CA GLY A 142 5.90 36.93 -9.28
C GLY A 142 4.37 36.89 -9.19
N GLU A 143 3.75 35.82 -9.66
CA GLU A 143 2.28 35.65 -9.62
C GLU A 143 1.81 35.35 -8.19
N GLN A 144 2.67 34.70 -7.41
CA GLN A 144 2.42 34.43 -5.99
C GLN A 144 3.41 35.30 -5.22
N GLU A 145 2.88 36.32 -4.53
CA GLU A 145 3.68 37.37 -3.87
C GLU A 145 3.89 37.20 -2.36
N LYS A 146 3.26 36.19 -1.77
CA LYS A 146 3.36 35.93 -0.35
C LYS A 146 4.75 35.40 0.02
N LYS A 147 5.09 35.45 1.30
CA LYS A 147 6.42 35.02 1.75
C LYS A 147 6.64 33.53 1.51
N LEU A 148 7.87 33.18 1.15
CA LEU A 148 8.30 31.80 1.02
C LEU A 148 9.10 31.45 2.28
N TRP A 149 8.57 30.53 3.08
CA TRP A 149 9.17 30.15 4.34
C TRP A 149 10.12 28.97 4.09
N LEU A 150 11.36 29.11 4.55
CA LEU A 150 12.43 28.16 4.28
C LEU A 150 13.06 27.66 5.56
N HIS A 151 13.27 26.34 5.62
CA HIS A 151 14.04 25.69 6.68
C HIS A 151 15.26 25.05 6.02
N ILE A 152 16.44 25.45 6.49
CA ILE A 152 17.69 24.96 5.90
C ILE A 152 18.03 23.64 6.55
N LYS A 153 18.29 22.63 5.73
CA LYS A 153 18.64 21.32 6.24
C LYS A 153 20.16 21.18 6.27
N LEU A 154 20.68 20.84 7.46
CA LEU A 154 22.07 20.49 7.64
C LEU A 154 22.28 18.97 7.74
N ASP A 155 23.34 18.49 7.08
CA ASP A 155 23.77 17.12 7.17
C ASP A 155 24.86 17.05 8.23
N THR A 156 24.54 16.41 9.36
CA THR A 156 25.49 16.20 10.44
C THR A 156 25.85 14.73 10.60
N GLY A 157 25.51 13.88 9.61
CA GLY A 157 25.85 12.45 9.68
C GLY A 157 24.92 11.48 9.00
N MET A 158 23.67 11.89 8.78
CA MET A 158 22.70 11.03 8.06
C MET A 158 23.16 10.72 6.63
N GLY A 159 23.86 11.69 6.02
CA GLY A 159 24.47 11.48 4.71
C GLY A 159 23.47 11.45 3.59
N ARG A 160 22.31 12.07 3.76
CA ARG A 160 21.39 12.23 2.62
C ARG A 160 21.62 13.66 2.09
N LEU A 161 20.60 14.35 1.61
CA LEU A 161 20.82 15.73 1.21
C LEU A 161 20.89 16.62 2.46
N GLY A 162 21.63 17.69 2.30
CA GLY A 162 21.79 18.66 3.34
C GLY A 162 23.16 19.28 3.24
N ILE A 163 23.27 20.48 3.79
CA ILE A 163 24.49 21.24 3.78
C ILE A 163 25.40 20.74 4.88
N LYS A 164 26.63 20.38 4.55
CA LYS A 164 27.55 19.85 5.56
C LYS A 164 28.58 20.84 6.05
N ASP A 165 28.81 21.92 5.31
CA ASP A 165 29.84 22.85 5.73
C ASP A 165 29.27 24.21 6.13
N THR A 166 29.88 24.80 7.14
CA THR A 166 29.47 26.07 7.68
C THR A 166 29.48 27.24 6.69
N ASN A 167 30.51 27.34 5.85
CA ASN A 167 30.57 28.43 4.86
C ASN A 167 29.36 28.42 3.93
N THR A 168 28.99 27.23 3.45
CA THR A 168 27.81 27.10 2.60
C THR A 168 26.53 27.50 3.33
N TYR A 169 26.40 27.07 4.58
CA TYR A 169 25.26 27.46 5.42
C TYR A 169 25.14 28.97 5.50
N GLN A 170 26.25 29.64 5.79
CA GLN A 170 26.27 31.10 5.87
C GLN A 170 25.92 31.74 4.52
N GLU A 171 26.42 31.19 3.42
CA GLU A 171 26.10 31.75 2.10
C GLU A 171 24.61 31.64 1.77
N VAL A 172 24.00 30.52 2.15
CA VAL A 172 22.60 30.33 1.88
C VAL A 172 21.77 31.34 2.66
N ILE A 173 22.14 31.54 3.92
CA ILE A 173 21.45 32.56 4.73
C ILE A 173 21.63 33.95 4.07
N GLU A 174 22.84 34.25 3.62
CA GLU A 174 23.08 35.53 2.95
C GLU A 174 22.26 35.70 1.67
N ILE A 175 22.04 34.63 0.94
CA ILE A 175 21.17 34.69 -0.24
C ILE A 175 19.73 34.99 0.16
N ILE A 176 19.25 34.28 1.19
CA ILE A 176 17.90 34.51 1.69
C ILE A 176 17.74 35.98 2.14
N GLN A 177 18.76 36.54 2.76
CA GLN A 177 18.73 37.94 3.21
C GLN A 177 18.67 38.98 2.09
N GLN A 178 19.02 38.61 0.86
CA GLN A 178 18.93 39.53 -0.29
C GLN A 178 17.55 39.60 -0.91
N TYR A 179 16.61 38.74 -0.53
CA TYR A 179 15.26 38.75 -1.13
C TYR A 179 14.21 38.88 -0.05
N GLU A 180 13.48 39.99 -0.08
CA GLU A 180 12.44 40.28 0.88
C GLU A 180 11.39 39.17 0.97
N GLN A 181 11.06 38.55 -0.18
CA GLN A 181 10.05 37.47 -0.21
C GLN A 181 10.48 36.17 0.54
N LEU A 182 11.78 35.93 0.64
CA LEU A 182 12.32 34.73 1.22
C LEU A 182 12.55 34.89 2.73
N VAL A 183 12.08 33.93 3.52
CA VAL A 183 12.22 34.00 4.97
C VAL A 183 13.05 32.81 5.45
N PHE A 184 14.07 33.09 6.24
CA PHE A 184 14.84 32.06 6.93
C PHE A 184 14.09 31.72 8.21
N GLU A 185 13.20 30.72 8.11
CA GLU A 185 12.26 30.40 9.19
C GLU A 185 12.86 29.36 10.17
N GLY A 186 13.66 28.44 9.65
CA GLY A 186 14.17 27.37 10.46
C GLY A 186 15.45 26.76 9.98
N VAL A 187 16.08 26.03 10.88
CA VAL A 187 17.25 25.23 10.54
C VAL A 187 17.10 23.89 11.27
N PHE A 188 17.49 22.80 10.60
CA PHE A 188 17.33 21.50 11.17
C PHE A 188 18.36 20.48 10.68
N THR A 189 18.46 19.40 11.44
CA THR A 189 19.19 18.21 11.02
C THR A 189 18.40 16.99 11.51
N HIS A 190 18.94 15.82 11.22
CA HIS A 190 18.26 14.55 11.49
C HIS A 190 19.26 13.51 11.95
N PHE A 191 18.89 12.77 12.98
CA PHE A 191 19.72 11.71 13.53
C PHE A 191 19.60 10.40 12.78
N ALA A 192 20.75 9.77 12.53
CA ALA A 192 20.80 8.45 11.89
C ALA A 192 20.56 7.27 12.80
N CYS A 193 20.97 7.37 14.06
CA CYS A 193 21.09 6.23 14.97
C CYS A 193 20.58 6.58 16.36
N ALA A 194 19.59 7.48 16.46
CA ALA A 194 19.10 7.89 17.78
C ALA A 194 18.38 6.76 18.51
N ASP A 195 17.95 5.71 17.79
CA ASP A 195 17.24 4.60 18.39
C ASP A 195 18.17 3.44 18.79
N GLU A 196 19.49 3.67 18.72
CA GLU A 196 20.44 2.64 19.13
C GLU A 196 21.53 3.22 20.03
N PRO A 197 22.15 2.37 20.89
CA PRO A 197 23.25 2.90 21.71
C PRO A 197 24.45 3.31 20.84
N GLY A 198 25.27 4.21 21.35
CA GLY A 198 26.41 4.74 20.60
C GLY A 198 26.48 6.26 20.74
N ASP A 199 27.64 6.81 20.41
CA ASP A 199 27.89 8.22 20.51
C ASP A 199 27.45 9.00 19.29
N MET A 200 26.98 8.35 18.23
CA MET A 200 26.70 9.09 17.00
C MET A 200 25.71 10.24 17.22
N THR A 201 24.67 10.00 17.99
CA THR A 201 23.66 11.00 18.22
C THR A 201 24.18 12.24 18.95
N THR A 202 24.93 12.04 20.03
CA THR A 202 25.57 13.14 20.75
CA THR A 202 25.55 13.16 20.72
C THR A 202 26.52 13.92 19.83
N GLU A 203 27.31 13.21 19.02
CA GLU A 203 28.21 13.87 18.06
C GLU A 203 27.46 14.72 17.03
N GLN A 204 26.37 14.18 16.49
CA GLN A 204 25.57 14.93 15.54
C GLN A 204 24.99 16.19 16.18
N TYR A 205 24.49 16.06 17.42
CA TYR A 205 23.88 17.21 18.13
C TYR A 205 24.91 18.30 18.37
N GLN A 206 26.11 17.91 18.80
CA GLN A 206 27.18 18.91 18.99
C GLN A 206 27.59 19.56 17.65
N ARG A 207 27.70 18.78 16.59
CA ARG A 207 28.01 19.32 15.26
C ARG A 207 26.92 20.32 14.80
N PHE A 208 25.66 19.99 15.07
CA PHE A 208 24.52 20.85 14.73
C PHE A 208 24.64 22.21 15.43
N LYS A 209 24.88 22.17 16.72
CA LYS A 209 25.10 23.39 17.48
C LYS A 209 26.29 24.19 16.97
N ASP A 210 27.41 23.50 16.66
CA ASP A 210 28.58 24.19 16.16
C ASP A 210 28.30 24.96 14.86
N MET A 211 27.49 24.39 13.98
CA MET A 211 27.15 25.05 12.72
C MET A 211 26.17 26.18 12.95
N VAL A 212 25.11 25.91 13.73
CA VAL A 212 24.06 26.90 13.93
C VAL A 212 24.58 28.13 14.70
N ASN A 213 25.53 27.93 15.64
CA ASN A 213 26.17 29.02 16.35
C ASN A 213 27.08 29.91 15.48
N GLU A 214 27.36 29.55 14.23
CA GLU A 214 28.16 30.42 13.35
C GLU A 214 27.35 31.39 12.50
N ALA A 215 26.06 31.46 12.71
CA ALA A 215 25.22 32.42 11.97
C ALA A 215 24.06 32.90 12.83
N ILE A 216 23.37 33.91 12.34
CA ILE A 216 22.12 34.37 12.93
C ILE A 216 21.15 33.18 13.08
N LYS A 217 20.48 33.11 14.20
CA LYS A 217 19.58 32.00 14.50
C LYS A 217 18.17 32.31 13.98
N PRO A 218 17.53 31.35 13.30
CA PRO A 218 16.18 31.52 12.86
C PRO A 218 15.19 31.20 13.97
N GLU A 219 13.91 31.40 13.68
CA GLU A 219 12.85 31.17 14.65
C GLU A 219 12.74 29.72 15.14
N TYR A 220 12.89 28.74 14.24
CA TYR A 220 12.74 27.31 14.58
C TYR A 220 14.05 26.57 14.42
N ILE A 221 14.44 25.84 15.47
CA ILE A 221 15.68 25.09 15.50
C ILE A 221 15.30 23.68 15.96
N HIS A 222 15.50 22.67 15.09
CA HIS A 222 14.96 21.35 15.37
C HIS A 222 15.86 20.21 14.88
N CYS A 223 16.01 19.19 15.72
CA CYS A 223 16.79 18.01 15.33
C CYS A 223 16.25 16.65 15.77
N GLN A 224 15.26 16.59 16.67
CA GLN A 224 14.84 15.34 17.33
C GLN A 224 13.61 14.68 16.65
N ASN A 225 13.81 13.44 16.23
CA ASN A 225 12.74 12.51 15.86
C ASN A 225 12.15 11.91 17.15
N SER A 226 11.33 10.86 17.06
CA SER A 226 10.76 10.25 18.27
C SER A 226 11.86 9.82 19.25
N ALA A 227 12.86 9.11 18.73
CA ALA A 227 13.93 8.58 19.57
C ALA A 227 14.70 9.71 20.26
N GLY A 228 15.07 10.72 19.48
CA GLY A 228 15.74 11.89 20.03
C GLY A 228 14.93 12.63 21.09
N SER A 229 13.62 12.71 20.86
CA SER A 229 12.71 13.39 21.75
C SER A 229 12.50 12.63 23.03
N LEU A 230 12.54 11.30 22.96
CA LEU A 230 12.41 10.45 24.15
C LEU A 230 13.70 10.35 24.95
N LEU A 231 14.87 10.52 24.34
CA LEU A 231 16.16 10.23 25.01
C LEU A 231 16.99 11.44 25.38
N MET A 232 16.68 12.61 24.84
CA MET A 232 17.49 13.82 25.07
C MET A 232 16.59 15.00 25.26
N ASP A 233 17.07 15.97 26.02
CA ASP A 233 16.37 17.23 26.17
C ASP A 233 16.62 18.17 24.99
N CYS A 234 17.88 18.24 24.54
CA CYS A 234 18.30 19.17 23.49
C CYS A 234 17.82 20.60 23.73
N GLN A 235 18.28 21.24 24.79
CA GLN A 235 17.86 22.59 25.16
C GLN A 235 18.08 23.66 24.09
N PHE A 236 19.06 23.45 23.23
CA PHE A 236 19.36 24.36 22.15
C PHE A 236 18.21 24.45 21.13
N CYS A 237 17.48 23.36 20.92
CA CYS A 237 16.36 23.30 19.98
C CYS A 237 15.08 23.86 20.60
N ASN A 238 14.19 24.38 19.76
CA ASN A 238 12.93 24.89 20.27
C ASN A 238 11.73 24.23 19.57
N ALA A 239 11.99 23.16 18.82
CA ALA A 239 10.96 22.33 18.24
C ALA A 239 11.48 20.90 18.08
N ILE A 240 10.55 19.95 18.13
CA ILE A 240 10.83 18.53 17.95
C ILE A 240 9.92 17.97 16.83
N ARG A 241 10.34 16.85 16.24
CA ARG A 241 9.64 16.23 15.10
C ARG A 241 9.34 14.76 15.38
N PRO A 242 8.46 14.46 16.33
CA PRO A 242 8.09 13.06 16.54
C PRO A 242 7.09 12.58 15.50
N GLY A 243 7.32 11.39 14.97
CA GLY A 243 6.41 10.68 14.09
C GLY A 243 5.87 9.42 14.75
N ILE A 244 6.61 8.32 14.67
CA ILE A 244 6.06 7.03 15.05
C ILE A 244 5.54 6.97 16.49
N SER A 245 6.20 7.67 17.42
CA SER A 245 5.74 7.63 18.79
C SER A 245 4.45 8.43 19.04
N LEU A 246 4.09 9.35 18.16
CA LEU A 246 2.74 9.96 18.24
C LEU A 246 1.67 8.93 18.05
N TYR A 247 1.98 7.91 17.25
CA TYR A 247 1.01 6.89 16.93
C TYR A 247 1.04 5.74 17.92
N GLY A 248 1.98 5.80 18.86
CA GLY A 248 1.98 4.94 20.00
C GLY A 248 3.01 3.84 19.99
N TYR A 249 4.04 3.95 19.14
CA TYR A 249 5.07 2.91 19.01
C TYR A 249 6.44 3.47 19.39
N TYR A 250 7.21 2.67 20.10
CA TYR A 250 8.59 2.99 20.36
C TYR A 250 9.41 2.78 19.07
N PRO A 251 10.38 3.67 18.80
CA PRO A 251 11.17 3.51 17.57
C PRO A 251 12.04 2.29 17.55
N SER A 252 12.39 1.77 18.72
CA SER A 252 13.11 0.52 18.81
C SER A 252 12.90 -0.05 20.20
N GLU A 253 13.32 -1.29 20.34
CA GLU A 253 13.28 -1.97 21.63
C GLU A 253 14.22 -1.29 22.63
N TYR A 254 15.39 -0.89 22.16
CA TYR A 254 16.34 -0.17 22.98
C TYR A 254 15.68 1.09 23.59
N VAL A 255 14.98 1.87 22.79
CA VAL A 255 14.31 3.06 23.30
C VAL A 255 13.24 2.68 24.36
N GLN A 256 12.42 1.68 24.06
CA GLN A 256 11.41 1.21 25.01
C GLN A 256 12.04 0.81 26.35
N GLN A 257 13.16 0.10 26.28
CA GLN A 257 13.87 -0.35 27.47
C GLN A 257 14.44 0.83 28.28
N LYS A 258 14.89 1.88 27.60
CA LYS A 258 15.51 3.02 28.26
C LYS A 258 14.53 4.00 28.90
N VAL A 259 13.33 4.18 28.35
CA VAL A 259 12.44 5.23 28.85
C VAL A 259 11.28 4.71 29.70
N LYS A 260 10.83 5.56 30.62
CA LYS A 260 9.67 5.23 31.46
C LYS A 260 8.31 5.66 30.90
N VAL A 261 8.30 6.54 29.91
CA VAL A 261 7.03 7.06 29.40
C VAL A 261 6.27 5.94 28.70
N HIS A 262 4.96 5.90 28.94
CA HIS A 262 4.11 4.89 28.34
C HIS A 262 3.49 5.51 27.08
N LEU A 263 3.67 4.84 25.95
CA LEU A 263 3.00 5.23 24.71
C LEU A 263 1.82 4.30 24.48
N LYS A 264 0.72 4.84 23.95
CA LYS A 264 -0.52 4.08 23.73
C LYS A 264 -0.62 3.77 22.25
N PRO A 265 -0.52 2.48 21.88
CA PRO A 265 -0.74 2.07 20.49
C PRO A 265 -2.10 2.51 19.96
N SER A 266 -2.13 3.06 18.75
CA SER A 266 -3.35 3.62 18.18
C SER A 266 -4.09 2.76 17.15
N VAL A 267 -3.46 1.68 16.69
CA VAL A 267 -3.99 0.88 15.57
C VAL A 267 -4.38 -0.53 15.99
N GLN A 268 -5.56 -0.95 15.54
CA GLN A 268 -5.87 -2.39 15.44
C GLN A 268 -6.19 -2.72 13.99
N LEU A 269 -5.82 -3.92 13.58
CA LEU A 269 -6.23 -4.46 12.28
C LEU A 269 -7.16 -5.62 12.56
N ILE A 270 -8.40 -5.53 12.07
CA ILE A 270 -9.49 -6.43 12.41
C ILE A 270 -10.06 -7.03 11.14
N ALA A 271 -10.47 -8.28 11.21
CA ALA A 271 -11.32 -8.88 10.18
C ALA A 271 -12.27 -9.86 10.85
N ASN A 272 -13.44 -10.04 10.28
CA ASN A 272 -14.41 -10.99 10.82
C ASN A 272 -14.39 -12.25 9.99
N VAL A 273 -14.55 -13.40 10.66
CA VAL A 273 -14.61 -14.68 9.99
C VAL A 273 -15.82 -14.66 9.08
N VAL A 274 -15.62 -15.00 7.82
CA VAL A 274 -16.72 -15.06 6.87
C VAL A 274 -17.50 -16.34 7.12
N GLN A 275 -16.81 -17.47 7.06
CA GLN A 275 -17.38 -18.77 7.44
C GLN A 275 -16.24 -19.72 7.81
N THR A 276 -16.60 -20.76 8.54
CA THR A 276 -15.72 -21.86 8.88
C THR A 276 -16.05 -23.07 8.03
N LYS A 277 -15.09 -23.98 7.97
CA LYS A 277 -15.17 -25.17 7.12
C LYS A 277 -14.30 -26.28 7.73
N THR A 278 -14.64 -27.54 7.48
CA THR A 278 -13.86 -28.69 7.99
C THR A 278 -13.07 -29.31 6.86
N LEU A 279 -11.75 -29.31 6.97
CA LEU A 279 -10.90 -30.11 6.05
C LEU A 279 -10.77 -31.49 6.62
N GLN A 280 -10.85 -32.48 5.75
CA GLN A 280 -10.54 -33.86 6.12
C GLN A 280 -9.07 -34.13 5.80
N ALA A 281 -8.55 -35.17 6.44
CA ALA A 281 -7.19 -35.66 6.20
C ALA A 281 -6.93 -35.80 4.68
N GLY A 282 -5.80 -35.27 4.22
CA GLY A 282 -5.44 -35.34 2.80
C GLY A 282 -5.94 -34.16 1.96
N GLU A 283 -6.78 -33.30 2.51
CA GLU A 283 -7.23 -32.11 1.77
C GLU A 283 -6.31 -30.94 2.04
N SER A 284 -5.98 -30.23 0.98
CA SER A 284 -5.07 -29.09 1.04
C SER A 284 -5.81 -27.77 1.03
N VAL A 285 -5.11 -26.69 1.28
CA VAL A 285 -5.69 -25.38 1.24
C VAL A 285 -4.78 -24.36 0.57
N SER A 286 -5.43 -23.54 -0.27
CA SER A 286 -4.87 -22.37 -0.90
C SER A 286 -3.85 -22.70 -2.03
N TYR A 287 -3.25 -21.66 -2.60
CA TYR A 287 -2.37 -21.83 -3.77
C TYR A 287 -1.15 -22.70 -3.43
N GLY A 288 -0.79 -23.58 -4.35
CA GLY A 288 0.35 -24.42 -4.15
C GLY A 288 0.09 -25.63 -3.27
N ALA A 289 -1.12 -25.76 -2.70
CA ALA A 289 -1.45 -26.89 -1.81
C ALA A 289 -0.33 -27.05 -0.73
N THR A 290 0.01 -25.93 -0.13
CA THR A 290 1.17 -25.80 0.74
C THR A 290 0.88 -26.27 2.19
N TYR A 291 -0.40 -26.40 2.53
CA TYR A 291 -0.87 -27.00 3.79
C TYR A 291 -1.83 -28.10 3.44
N THR A 292 -1.59 -29.29 4.01
CA THR A 292 -2.46 -30.45 3.87
C THR A 292 -2.81 -30.92 5.28
N ALA A 293 -4.10 -31.12 5.53
CA ALA A 293 -4.56 -31.63 6.82
C ALA A 293 -4.14 -33.10 7.01
N THR A 294 -3.63 -33.40 8.21
CA THR A 294 -3.31 -34.77 8.63
C THR A 294 -4.52 -35.45 9.29
N ASP A 295 -5.33 -34.69 10.04
CA ASP A 295 -6.61 -35.16 10.62
C ASP A 295 -7.68 -34.05 10.53
N PRO A 296 -8.97 -34.37 10.83
CA PRO A 296 -10.04 -33.36 10.72
C PRO A 296 -9.72 -32.02 11.40
N THR A 297 -9.69 -30.97 10.59
CA THR A 297 -9.21 -29.66 10.99
C THR A 297 -10.28 -28.64 10.60
N THR A 298 -10.73 -27.83 11.55
CA THR A 298 -11.59 -26.70 11.23
C THR A 298 -10.74 -25.49 10.80
N ILE A 299 -11.15 -24.85 9.69
CA ILE A 299 -10.51 -23.64 9.20
C ILE A 299 -11.52 -22.50 9.10
N ALA A 300 -11.00 -21.28 9.15
CA ALA A 300 -11.81 -20.08 9.03
C ALA A 300 -11.24 -19.26 7.87
N LEU A 301 -12.12 -18.71 7.04
CA LEU A 301 -11.77 -17.78 5.97
C LEU A 301 -11.96 -16.33 6.44
N LEU A 302 -10.92 -15.53 6.29
CA LEU A 302 -10.92 -14.12 6.62
C LEU A 302 -10.83 -13.30 5.34
N PRO A 303 -11.61 -12.21 5.25
CA PRO A 303 -11.66 -11.39 4.05
C PRO A 303 -10.58 -10.32 4.07
N ILE A 304 -9.34 -10.76 4.13
CA ILE A 304 -8.20 -9.85 4.09
C ILE A 304 -7.03 -10.65 3.52
N GLY A 305 -6.15 -9.96 2.79
CA GLY A 305 -5.01 -10.62 2.17
C GLY A 305 -3.85 -9.66 1.91
N TYR A 306 -2.92 -10.09 1.08
CA TYR A 306 -1.72 -9.28 0.86
C TYR A 306 -1.92 -7.98 0.09
N ALA A 307 -2.99 -7.85 -0.68
CA ALA A 307 -3.31 -6.56 -1.27
C ALA A 307 -3.78 -5.55 -0.24
N ASP A 308 -4.15 -6.01 0.95
CA ASP A 308 -4.45 -5.14 2.08
C ASP A 308 -3.23 -4.79 2.92
N GLY A 309 -2.09 -5.42 2.64
CA GLY A 309 -0.88 -5.21 3.44
C GLY A 309 -0.57 -6.30 4.43
N TYR A 310 -1.42 -7.33 4.50
CA TYR A 310 -1.15 -8.52 5.33
C TYR A 310 -0.36 -9.49 4.43
N LEU A 311 0.95 -9.28 4.39
CA LEU A 311 1.79 -9.86 3.34
C LEU A 311 1.90 -11.39 3.38
N ARG A 312 2.33 -11.98 2.28
CA ARG A 312 2.40 -13.44 2.14
C ARG A 312 3.28 -14.07 3.23
N ILE A 313 4.31 -13.35 3.64
CA ILE A 313 5.21 -13.85 4.70
C ILE A 313 4.51 -14.08 6.04
N MET A 314 3.30 -13.54 6.20
CA MET A 314 2.52 -13.76 7.42
C MET A 314 2.07 -15.20 7.61
N GLN A 315 2.11 -16.03 6.56
CA GLN A 315 1.85 -17.46 6.73
C GLN A 315 2.71 -18.03 7.87
N GLY A 316 2.07 -18.79 8.76
CA GLY A 316 2.73 -19.30 9.96
C GLY A 316 2.60 -18.42 11.20
N SER A 317 2.03 -17.22 11.06
N SER A 317 2.02 -17.22 11.06
CA SER A 317 1.77 -16.34 12.22
CA SER A 317 1.78 -16.35 12.22
C SER A 317 0.56 -16.83 12.99
C SER A 317 0.56 -16.82 12.98
N PHE A 318 0.37 -16.24 14.17
CA PHE A 318 -0.81 -16.46 14.98
C PHE A 318 -1.62 -15.16 14.98
N VAL A 319 -2.94 -15.32 14.89
CA VAL A 319 -3.89 -14.23 15.04
C VAL A 319 -4.81 -14.59 16.20
N ASN A 320 -5.59 -13.62 16.67
CA ASN A 320 -6.42 -13.78 17.85
C ASN A 320 -7.86 -13.83 17.40
N VAL A 321 -8.42 -15.05 17.37
CA VAL A 321 -9.80 -15.25 16.93
C VAL A 321 -10.66 -15.40 18.16
N ASN A 322 -11.38 -14.32 18.47
CA ASN A 322 -12.28 -14.28 19.61
C ASN A 322 -11.64 -14.85 20.90
N GLY A 323 -10.38 -14.49 21.15
CA GLY A 323 -9.62 -14.95 22.34
C GLY A 323 -8.67 -16.13 22.13
N HIS A 324 -8.85 -16.89 21.04
CA HIS A 324 -8.03 -18.07 20.77
C HIS A 324 -6.88 -17.74 19.84
N GLN A 325 -5.68 -18.19 20.17
CA GLN A 325 -4.51 -18.02 19.29
C GLN A 325 -4.56 -19.05 18.14
N CYS A 326 -4.65 -18.57 16.90
CA CYS A 326 -4.89 -19.42 15.72
C CYS A 326 -3.87 -19.19 14.62
N GLU A 327 -3.35 -20.27 14.07
CA GLU A 327 -2.30 -20.21 13.05
C GLU A 327 -2.82 -19.88 11.64
N VAL A 328 -2.16 -18.96 10.94
CA VAL A 328 -2.40 -18.70 9.54
C VAL A 328 -1.78 -19.85 8.74
N ILE A 329 -2.60 -20.55 7.98
CA ILE A 329 -2.17 -21.74 7.26
C ILE A 329 -2.44 -21.62 5.76
N GLY A 330 -1.61 -22.31 4.98
CA GLY A 330 -1.64 -22.17 3.54
C GLY A 330 -1.18 -20.80 3.10
N ARG A 331 -1.04 -20.62 1.79
CA ARG A 331 -0.64 -19.33 1.24
C ARG A 331 -1.68 -18.27 1.56
N VAL A 332 -1.18 -17.12 1.99
CA VAL A 332 -2.00 -15.91 2.07
C VAL A 332 -2.27 -15.47 0.63
N CYS A 333 -3.54 -15.19 0.34
CA CYS A 333 -3.95 -14.76 -1.01
C CYS A 333 -4.08 -13.26 -1.05
N MET A 334 -4.29 -12.74 -2.25
CA MET A 334 -4.44 -11.30 -2.46
C MET A 334 -5.54 -10.71 -1.56
N ASP A 335 -6.64 -11.45 -1.45
CA ASP A 335 -7.85 -10.94 -0.79
C ASP A 335 -8.38 -11.81 0.36
N GLN A 336 -7.72 -12.93 0.65
CA GLN A 336 -8.24 -13.93 1.58
C GLN A 336 -7.11 -14.58 2.35
N THR A 337 -7.39 -14.92 3.62
CA THR A 337 -6.42 -15.53 4.51
C THR A 337 -7.11 -16.68 5.20
N ILE A 338 -6.42 -17.82 5.34
CA ILE A 338 -7.00 -18.98 6.00
C ILE A 338 -6.34 -19.19 7.37
N VAL A 339 -7.15 -19.47 8.39
N VAL A 339 -7.16 -19.43 8.40
CA VAL A 339 -6.69 -19.68 9.75
CA VAL A 339 -6.66 -19.71 9.74
C VAL A 339 -7.23 -21.00 10.30
C VAL A 339 -7.23 -21.00 10.30
N LYS A 340 -6.39 -21.74 11.02
CA LYS A 340 -6.77 -22.98 11.67
C LYS A 340 -7.36 -22.64 13.04
N VAL A 341 -8.57 -23.13 13.31
CA VAL A 341 -9.34 -22.67 14.45
C VAL A 341 -9.97 -23.79 15.25
N PRO A 342 -10.20 -23.56 16.55
CA PRO A 342 -10.97 -24.52 17.33
C PRO A 342 -12.45 -24.51 16.94
N ASP A 343 -13.16 -25.58 17.29
CA ASP A 343 -14.56 -25.79 16.87
C ASP A 343 -15.55 -24.73 17.38
N GLN A 344 -15.21 -24.05 18.47
CA GLN A 344 -16.01 -22.93 19.02
C GLN A 344 -16.08 -21.71 18.06
N VAL A 345 -15.07 -21.51 17.23
CA VAL A 345 -15.04 -20.40 16.28
C VAL A 345 -16.18 -20.54 15.27
N LYS A 346 -16.89 -19.43 15.04
CA LYS A 346 -17.99 -19.39 14.06
C LYS A 346 -17.98 -18.09 13.22
N ALA A 347 -18.78 -18.11 12.16
CA ALA A 347 -18.96 -16.96 11.26
C ALA A 347 -19.31 -15.71 12.06
N GLY A 348 -18.67 -14.61 11.71
CA GLY A 348 -18.91 -13.34 12.37
C GLY A 348 -17.96 -13.03 13.51
N ASP A 349 -17.18 -14.01 13.99
CA ASP A 349 -16.26 -13.76 15.10
C ASP A 349 -15.20 -12.76 14.66
N SER A 350 -14.84 -11.85 15.57
CA SER A 350 -13.80 -10.87 15.33
C SER A 350 -12.42 -11.49 15.45
N VAL A 351 -11.54 -11.09 14.54
CA VAL A 351 -10.17 -11.52 14.53
C VAL A 351 -9.29 -10.29 14.64
N ILE A 352 -8.41 -10.30 15.63
CA ILE A 352 -7.40 -9.27 15.75
C ILE A 352 -6.14 -9.80 15.07
N LEU A 353 -5.73 -9.13 14.01
CA LEU A 353 -4.50 -9.44 13.31
C LEU A 353 -3.36 -8.52 13.75
N ILE A 354 -3.68 -7.26 14.10
CA ILE A 354 -2.71 -6.36 14.74
C ILE A 354 -3.43 -5.77 15.93
N ASP A 355 -2.83 -5.95 17.09
CA ASP A 355 -3.45 -5.56 18.34
C ASP A 355 -2.85 -4.23 18.84
N ASN A 356 -3.67 -3.47 19.56
CA ASN A 356 -3.24 -2.17 20.11
C ASN A 356 -2.63 -2.32 21.49
N HIS A 357 -1.77 -3.33 21.67
CA HIS A 357 -1.04 -3.53 22.90
C HIS A 357 0.34 -4.00 22.52
N ARG A 358 1.35 -3.46 23.18
CA ARG A 358 2.73 -3.84 22.89
C ARG A 358 3.06 -5.28 23.32
N GLU A 359 2.49 -5.71 24.45
CA GLU A 359 2.71 -7.03 25.03
C GLU A 359 1.69 -8.02 24.48
N SER A 360 1.75 -8.32 23.23
CA SER A 360 0.72 -9.13 22.60
C SER A 360 1.40 -9.91 21.50
N PRO A 361 0.96 -11.15 21.27
CA PRO A 361 1.44 -11.89 20.10
C PRO A 361 0.99 -11.34 18.74
N GLN A 362 0.11 -10.34 18.75
CA GLN A 362 -0.31 -9.62 17.57
C GLN A 362 0.14 -8.17 17.58
N SER A 363 1.12 -7.82 18.41
CA SER A 363 1.63 -6.48 18.42
C SER A 363 2.24 -6.14 17.06
N VAL A 364 2.31 -4.87 16.73
CA VAL A 364 2.99 -4.42 15.50
CA VAL A 364 2.99 -4.43 15.51
C VAL A 364 4.45 -4.90 15.46
N GLU A 365 5.11 -4.93 16.60
CA GLU A 365 6.51 -5.36 16.65
C GLU A 365 6.67 -6.88 16.31
N VAL A 366 5.72 -7.70 16.77
CA VAL A 366 5.75 -9.14 16.49
C VAL A 366 5.46 -9.35 14.99
N VAL A 367 4.51 -8.60 14.45
CA VAL A 367 4.23 -8.62 13.04
C VAL A 367 5.44 -8.17 12.23
N ALA A 368 6.14 -7.14 12.70
CA ALA A 368 7.35 -6.68 12.06
C ALA A 368 8.44 -7.78 12.06
N GLU A 369 8.59 -8.48 13.18
CA GLU A 369 9.55 -9.59 13.25
C GLU A 369 9.19 -10.70 12.23
N LYS A 370 7.91 -11.05 12.14
CA LYS A 370 7.48 -12.04 11.11
C LYS A 370 7.82 -11.57 9.69
N GLN A 371 7.64 -10.27 9.44
CA GLN A 371 7.97 -9.65 8.16
C GLN A 371 9.44 -9.34 7.95
N HIS A 372 10.30 -9.59 8.95
CA HIS A 372 11.73 -9.27 8.90
C HIS A 372 11.93 -7.82 8.56
N THR A 373 11.21 -6.97 9.28
CA THR A 373 11.26 -5.53 9.03
C THR A 373 11.05 -4.77 10.34
N ILE A 374 10.72 -3.49 10.24
CA ILE A 374 10.50 -2.65 11.41
C ILE A 374 9.03 -2.20 11.45
N ASN A 375 8.58 -1.83 12.64
CA ASN A 375 7.16 -1.43 12.87
C ASN A 375 6.68 -0.37 11.85
N TYR A 376 7.54 0.59 11.53
CA TYR A 376 7.23 1.63 10.54
C TYR A 376 6.66 1.04 9.23
N GLU A 377 7.31 0.00 8.73
CA GLU A 377 6.94 -0.57 7.45
C GLU A 377 5.67 -1.38 7.55
N VAL A 378 5.43 -2.03 8.68
CA VAL A 378 4.20 -2.79 8.86
C VAL A 378 2.98 -1.84 8.68
N LEU A 379 3.07 -0.68 9.31
CA LEU A 379 2.01 0.34 9.24
C LEU A 379 1.89 0.94 7.83
N CYS A 380 3.01 1.27 7.19
CA CYS A 380 2.96 1.83 5.86
C CYS A 380 2.40 0.84 4.82
N ASN A 381 2.58 -0.45 5.05
CA ASN A 381 2.08 -1.48 4.13
C ASN A 381 0.52 -1.54 4.07
N LEU A 382 -0.18 -1.03 5.07
CA LEU A 382 -1.63 -1.17 5.15
C LEU A 382 -2.26 -0.36 4.04
N SER A 383 -2.99 -1.02 3.15
CA SER A 383 -3.26 -0.43 1.85
C SER A 383 -4.52 0.41 1.86
N ARG A 384 -4.72 1.11 0.75
CA ARG A 384 -5.89 1.96 0.58
C ARG A 384 -7.24 1.19 0.63
N ARG A 385 -7.20 -0.12 0.43
CA ARG A 385 -8.44 -0.90 0.42
C ARG A 385 -9.02 -1.06 1.82
N LEU A 386 -8.20 -0.93 2.87
CA LEU A 386 -8.72 -1.01 4.22
C LEU A 386 -9.42 0.28 4.65
N PRO A 387 -10.69 0.19 5.01
CA PRO A 387 -11.28 1.38 5.66
C PRO A 387 -10.55 1.72 6.98
N ARG A 388 -10.47 3.00 7.32
CA ARG A 388 -10.02 3.46 8.62
C ARG A 388 -11.22 3.89 9.37
N ILE A 389 -11.44 3.27 10.54
CA ILE A 389 -12.54 3.62 11.41
C ILE A 389 -11.95 4.36 12.63
N TYR A 390 -12.26 5.64 12.71
CA TYR A 390 -11.70 6.51 13.71
C TYR A 390 -12.58 6.52 14.95
N HIS A 391 -11.92 6.46 16.11
CA HIS A 391 -12.58 6.50 17.39
C HIS A 391 -12.12 7.75 18.11
N ASP A 392 -13.11 8.54 18.54
CA ASP A 392 -12.89 9.66 19.41
C ASP A 392 -13.97 9.67 20.48
N GLY A 393 -13.68 9.06 21.64
CA GLY A 393 -14.68 8.79 22.65
C GLY A 393 -15.66 7.75 22.13
N ASP A 394 -16.94 8.03 22.32
CA ASP A 394 -18.02 7.24 21.68
C ASP A 394 -18.22 7.60 20.21
N GLN A 395 -17.61 8.65 19.67
CA GLN A 395 -17.79 8.98 18.24
C GLN A 395 -16.94 8.09 17.33
N ARG A 396 -17.52 7.74 16.20
CA ARG A 396 -16.99 6.80 15.26
C ARG A 396 -17.16 7.44 13.88
N PHE A 397 -16.14 7.33 13.02
CA PHE A 397 -16.13 7.98 11.69
C PHE A 397 -15.34 7.07 10.77
N VAL A 398 -15.81 6.85 9.55
CA VAL A 398 -15.20 5.93 8.61
C VAL A 398 -14.68 6.64 7.36
N THR A 399 -13.46 6.33 6.95
N THR A 399 -13.44 6.35 6.96
CA THR A 399 -12.91 6.72 5.65
CA THR A 399 -12.93 6.73 5.64
C THR A 399 -12.69 5.45 4.85
C THR A 399 -12.68 5.45 4.85
N ASN A 400 -13.22 5.42 3.64
CA ASN A 400 -13.06 4.27 2.74
C ASN A 400 -12.67 4.92 1.42
N GLU A 401 -11.39 4.83 1.10
CA GLU A 401 -10.80 5.52 -0.07
C GLU A 401 -11.45 5.12 -1.39
N LEU A 402 -11.92 3.87 -1.50
CA LEU A 402 -12.53 3.36 -2.73
C LEU A 402 -13.79 4.12 -3.07
N LEU A 403 -14.51 4.62 -2.07
CA LEU A 403 -15.78 5.31 -2.28
C LEU A 403 -15.69 6.83 -2.19
N LYS A 404 -14.48 7.38 -2.14
CA LYS A 404 -14.18 8.82 -1.92
C LYS A 404 -14.16 9.46 -3.27
N PHE B 23 -7.48 18.74 -8.00
CA PHE B 23 -6.10 18.89 -8.61
C PHE B 23 -5.44 17.51 -8.88
N SER B 24 -6.21 16.44 -9.04
CA SER B 24 -5.65 15.04 -9.07
C SER B 24 -4.84 14.66 -10.31
N ASP B 25 -4.72 15.59 -11.25
CA ASP B 25 -3.99 15.39 -12.50
C ASP B 25 -2.63 16.11 -12.50
N LYS B 26 -2.16 16.43 -11.31
CA LYS B 26 -0.87 17.06 -11.09
C LYS B 26 -0.14 16.30 -9.99
N TYR B 27 1.18 16.38 -9.99
CA TYR B 27 2.00 15.76 -8.95
C TYR B 27 3.19 16.66 -8.66
N TYR B 28 3.73 16.56 -7.46
CA TYR B 28 4.72 17.49 -6.99
C TYR B 28 5.99 16.82 -6.41
N ARG B 29 6.23 15.59 -6.81
CA ARG B 29 7.45 14.86 -6.45
C ARG B 29 7.74 13.97 -7.63
N SER B 30 9.00 13.90 -8.05
CA SER B 30 9.36 13.16 -9.27
C SER B 30 9.57 11.66 -9.03
N ALA B 31 8.50 10.98 -8.65
CA ALA B 31 8.47 9.53 -8.46
C ALA B 31 7.06 9.11 -8.87
N TYR B 32 6.95 8.10 -9.72
CA TYR B 32 5.69 7.78 -10.33
C TYR B 32 5.74 6.43 -10.99
N MET B 33 4.55 5.90 -11.27
CA MET B 33 4.38 4.70 -12.12
C MET B 33 3.93 5.10 -13.51
N ASN B 34 4.59 4.61 -14.56
CA ASN B 34 4.02 4.63 -15.92
C ASN B 34 3.17 3.39 -16.09
N VAL B 35 1.93 3.56 -16.52
CA VAL B 35 1.02 2.45 -16.78
C VAL B 35 0.66 2.52 -18.26
N ASP B 36 1.10 1.52 -19.01
CA ASP B 36 0.90 1.47 -20.44
C ASP B 36 -0.46 0.77 -20.73
N LEU B 37 -1.52 1.56 -20.92
CA LEU B 37 -2.86 0.99 -21.19
C LEU B 37 -2.91 0.27 -22.55
N ASN B 38 -2.07 0.64 -23.50
CA ASN B 38 -2.03 -0.04 -24.77
C ASN B 38 -1.50 -1.45 -24.59
N ALA B 39 -0.54 -1.62 -23.70
CA ALA B 39 -0.05 -2.95 -23.37
C ALA B 39 -1.16 -3.80 -22.75
N VAL B 40 -1.91 -3.22 -21.81
CA VAL B 40 -3.02 -3.92 -21.20
C VAL B 40 -4.09 -4.36 -22.24
N ALA B 41 -4.48 -3.45 -23.11
CA ALA B 41 -5.44 -3.77 -24.18
C ALA B 41 -4.90 -4.86 -25.11
N SER B 42 -3.61 -4.78 -25.39
CA SER B 42 -2.97 -5.77 -26.23
C SER B 42 -3.00 -7.17 -25.56
N ASN B 43 -2.75 -7.23 -24.25
CA ASN B 43 -2.80 -8.49 -23.52
C ASN B 43 -4.22 -9.05 -23.45
N PHE B 44 -5.20 -8.16 -23.25
CA PHE B 44 -6.61 -8.54 -23.29
C PHE B 44 -6.97 -9.19 -24.65
N LYS B 45 -6.51 -8.59 -25.75
CA LYS B 45 -6.73 -9.14 -27.11
C LYS B 45 -6.07 -10.49 -27.33
N VAL B 46 -4.89 -10.71 -26.76
CA VAL B 46 -4.25 -12.01 -26.78
C VAL B 46 -5.21 -13.06 -26.17
N PHE B 47 -5.78 -12.77 -25.00
CA PHE B 47 -6.72 -13.70 -24.37
C PHE B 47 -8.00 -13.91 -25.17
N SER B 48 -8.54 -12.82 -25.72
CA SER B 48 -9.71 -12.91 -26.59
C SER B 48 -9.47 -13.80 -27.81
N THR B 49 -8.28 -13.72 -28.38
CA THR B 49 -7.87 -14.46 -29.53
C THR B 49 -7.58 -15.91 -29.19
N LEU B 50 -6.95 -16.18 -28.06
CA LEU B 50 -6.79 -17.57 -27.58
C LEU B 50 -8.12 -18.29 -27.28
N HIS B 51 -9.14 -17.55 -26.87
CA HIS B 51 -10.43 -18.09 -26.46
C HIS B 51 -11.55 -17.34 -27.19
N PRO B 52 -11.62 -17.49 -28.53
CA PRO B 52 -12.55 -16.69 -29.32
C PRO B 52 -14.03 -16.96 -29.02
N ASN B 53 -14.37 -18.09 -28.42
CA ASN B 53 -15.77 -18.38 -28.09
C ASN B 53 -16.10 -18.15 -26.61
N LYS B 54 -15.22 -17.47 -25.87
CA LYS B 54 -15.44 -17.20 -24.49
C LYS B 54 -15.47 -15.70 -24.17
N THR B 55 -16.24 -15.34 -23.16
CA THR B 55 -16.22 -14.02 -22.59
C THR B 55 -14.97 -13.89 -21.71
N VAL B 56 -14.20 -12.82 -21.88
CA VAL B 56 -13.05 -12.55 -21.04
C VAL B 56 -13.50 -11.68 -19.87
N MET B 57 -13.65 -12.29 -18.70
CA MET B 57 -14.05 -11.61 -17.48
C MET B 57 -12.78 -11.06 -16.86
N ALA B 58 -12.43 -9.84 -17.23
CA ALA B 58 -11.17 -9.23 -16.80
C ALA B 58 -11.16 -9.05 -15.27
N VAL B 59 -10.13 -9.59 -14.61
CA VAL B 59 -10.02 -9.49 -13.17
C VAL B 59 -9.27 -8.23 -12.81
N VAL B 60 -10.00 -7.29 -12.20
CA VAL B 60 -9.46 -5.98 -11.86
C VAL B 60 -9.54 -5.72 -10.35
N LYS B 61 -9.61 -6.80 -9.56
CA LYS B 61 -9.53 -6.72 -8.10
C LYS B 61 -8.23 -6.01 -7.65
N ALA B 62 -8.24 -5.57 -6.39
CA ALA B 62 -7.07 -4.95 -5.77
C ALA B 62 -6.52 -3.80 -6.61
N ASN B 63 -7.46 -2.98 -7.08
CA ASN B 63 -7.12 -1.81 -7.85
C ASN B 63 -6.38 -2.16 -9.12
N ALA B 64 -6.84 -3.21 -9.79
CA ALA B 64 -6.16 -3.81 -10.96
C ALA B 64 -4.71 -4.10 -10.64
N TYR B 65 -4.51 -4.75 -9.50
CA TYR B 65 -3.19 -5.21 -9.06
C TYR B 65 -2.23 -3.99 -8.96
N GLY B 66 -2.78 -2.86 -8.51
CA GLY B 66 -2.04 -1.62 -8.35
C GLY B 66 -1.97 -0.67 -9.54
N LEU B 67 -2.45 -1.10 -10.71
CA LEU B 67 -2.46 -0.22 -11.88
C LEU B 67 -3.52 0.87 -11.83
N GLY B 68 -4.60 0.62 -11.08
CA GLY B 68 -5.76 1.53 -11.03
C GLY B 68 -6.95 0.89 -11.73
N SER B 69 -7.90 0.35 -10.97
CA SER B 69 -8.99 -0.41 -11.54
C SER B 69 -9.93 0.46 -12.35
N VAL B 70 -10.13 1.72 -11.95
CA VAL B 70 -11.04 2.58 -12.68
C VAL B 70 -10.50 2.81 -14.10
N LYS B 71 -9.25 3.28 -14.20
CA LYS B 71 -8.66 3.54 -15.51
CA LYS B 71 -8.66 3.56 -15.51
C LYS B 71 -8.51 2.30 -16.37
N VAL B 72 -8.07 1.20 -15.77
CA VAL B 72 -7.95 -0.07 -16.49
C VAL B 72 -9.30 -0.58 -17.02
N ALA B 73 -10.33 -0.57 -16.18
CA ALA B 73 -11.61 -1.08 -16.59
C ALA B 73 -12.23 -0.21 -17.66
N ARG B 74 -12.10 1.12 -17.51
CA ARG B 74 -12.62 2.04 -18.55
C ARG B 74 -11.94 1.79 -19.90
N HIS B 75 -10.61 1.62 -19.87
CA HIS B 75 -9.89 1.38 -21.09
C HIS B 75 -10.25 0.01 -21.71
N LEU B 76 -10.41 -1.01 -20.88
CA LEU B 76 -10.81 -2.31 -21.39
C LEU B 76 -12.21 -2.28 -21.99
N MET B 77 -13.15 -1.54 -21.40
CA MET B 77 -14.47 -1.36 -22.03
C MET B 77 -14.38 -0.73 -23.39
N GLU B 78 -13.47 0.24 -23.56
CA GLU B 78 -13.25 0.85 -24.85
C GLU B 78 -12.70 -0.13 -25.88
N ASN B 79 -12.10 -1.23 -25.43
CA ASN B 79 -11.57 -2.28 -26.30
C ASN B 79 -12.44 -3.56 -26.27
N GLY B 80 -13.72 -3.40 -25.92
CA GLY B 80 -14.67 -4.48 -26.01
C GLY B 80 -14.94 -5.33 -24.76
N ALA B 81 -14.32 -5.07 -23.61
CA ALA B 81 -14.66 -5.82 -22.40
C ALA B 81 -16.08 -5.57 -21.95
N THR B 82 -16.77 -6.65 -21.55
CA THR B 82 -18.16 -6.60 -21.13
C THR B 82 -18.40 -7.15 -19.74
N PHE B 83 -17.35 -7.64 -19.04
CA PHE B 83 -17.53 -8.30 -17.77
C PHE B 83 -16.22 -8.17 -17.00
N PHE B 84 -16.31 -7.69 -15.77
CA PHE B 84 -15.20 -7.60 -14.83
C PHE B 84 -15.49 -8.41 -13.59
N ALA B 85 -14.41 -8.82 -12.92
CA ALA B 85 -14.50 -9.43 -11.61
C ALA B 85 -13.64 -8.63 -10.65
N VAL B 86 -14.15 -8.47 -9.44
CA VAL B 86 -13.45 -7.77 -8.36
C VAL B 86 -13.58 -8.60 -7.10
N ALA B 87 -12.85 -8.21 -6.05
CA ALA B 87 -12.86 -8.94 -4.79
C ALA B 87 -13.99 -8.56 -3.85
N THR B 88 -14.43 -7.29 -3.90
CA THR B 88 -15.30 -6.76 -2.89
C THR B 88 -16.36 -5.87 -3.54
N LEU B 89 -17.47 -5.70 -2.84
CA LEU B 89 -18.51 -4.80 -3.29
C LEU B 89 -18.02 -3.34 -3.36
N ASP B 90 -17.14 -2.93 -2.45
CA ASP B 90 -16.55 -1.58 -2.51
C ASP B 90 -15.89 -1.35 -3.88
N GLU B 91 -15.11 -2.32 -4.32
CA GLU B 91 -14.47 -2.28 -5.63
C GLU B 91 -15.50 -2.20 -6.80
N ALA B 92 -16.60 -2.91 -6.69
CA ALA B 92 -17.63 -2.91 -7.70
C ALA B 92 -18.33 -1.54 -7.72
N ILE B 93 -18.66 -1.00 -6.55
CA ILE B 93 -19.32 0.29 -6.46
C ILE B 93 -18.37 1.38 -6.98
N GLU B 94 -17.09 1.26 -6.67
CA GLU B 94 -16.10 2.23 -7.18
C GLU B 94 -16.14 2.25 -8.73
N LEU B 95 -16.18 1.09 -9.36
CA LEU B 95 -16.29 1.00 -10.82
C LEU B 95 -17.58 1.67 -11.31
N ARG B 96 -18.72 1.35 -10.69
CA ARG B 96 -20.04 1.95 -11.06
C ARG B 96 -20.07 3.46 -10.93
N MET B 97 -19.49 3.98 -9.84
CA MET B 97 -19.43 5.40 -9.62
C MET B 97 -18.56 6.12 -10.67
N HIS B 98 -17.64 5.43 -11.32
CA HIS B 98 -16.71 6.05 -12.28
C HIS B 98 -17.01 5.57 -13.70
N GLY B 99 -18.28 5.19 -13.92
CA GLY B 99 -18.84 5.10 -15.26
C GLY B 99 -18.84 3.71 -15.89
N ILE B 100 -18.42 2.68 -15.15
CA ILE B 100 -18.41 1.31 -15.69
C ILE B 100 -19.85 0.76 -15.69
N THR B 101 -20.33 0.39 -16.87
CA THR B 101 -21.67 -0.16 -17.08
C THR B 101 -21.61 -1.63 -17.46
N ALA B 102 -20.42 -2.21 -17.55
CA ALA B 102 -20.26 -3.64 -17.75
C ALA B 102 -20.82 -4.47 -16.59
N LYS B 103 -21.03 -5.75 -16.84
CA LYS B 103 -21.33 -6.69 -15.78
C LYS B 103 -20.13 -6.80 -14.84
N ILE B 104 -20.42 -6.89 -13.56
CA ILE B 104 -19.37 -7.03 -12.54
C ILE B 104 -19.78 -8.16 -11.58
N LEU B 105 -18.84 -9.06 -11.31
CA LEU B 105 -18.99 -10.11 -10.30
C LEU B 105 -18.05 -9.81 -9.15
N VAL B 106 -18.60 -9.83 -7.94
CA VAL B 106 -17.82 -9.80 -6.69
C VAL B 106 -17.48 -11.24 -6.36
N LEU B 107 -16.18 -11.50 -6.29
CA LEU B 107 -15.63 -12.87 -6.03
C LEU B 107 -15.61 -13.28 -4.57
N GLY B 108 -15.54 -12.30 -3.66
CA GLY B 108 -15.62 -12.56 -2.22
C GLY B 108 -17.06 -12.69 -1.75
N VAL B 109 -17.24 -12.96 -0.48
CA VAL B 109 -18.54 -13.20 0.13
C VAL B 109 -19.04 -11.89 0.73
N LEU B 110 -20.14 -11.36 0.20
CA LEU B 110 -20.74 -10.14 0.69
C LEU B 110 -21.44 -10.41 2.02
N PRO B 111 -21.22 -9.55 3.04
CA PRO B 111 -22.11 -9.69 4.22
C PRO B 111 -23.61 -9.60 3.83
N ALA B 112 -24.40 -10.52 4.36
CA ALA B 112 -25.79 -10.66 3.96
C ALA B 112 -26.60 -9.38 4.21
N LYS B 113 -26.26 -8.63 5.26
CA LYS B 113 -26.96 -7.39 5.55
C LYS B 113 -26.84 -6.34 4.45
N ASP B 114 -25.84 -6.45 3.58
CA ASP B 114 -25.56 -5.47 2.52
C ASP B 114 -26.14 -5.85 1.16
N ILE B 115 -26.97 -6.89 1.13
CA ILE B 115 -27.50 -7.44 -0.12
C ILE B 115 -28.23 -6.41 -0.99
N ASP B 116 -29.02 -5.53 -0.39
CA ASP B 116 -29.77 -4.51 -1.14
C ASP B 116 -28.84 -3.58 -1.97
N LYS B 117 -27.62 -3.30 -1.47
CA LYS B 117 -26.67 -2.45 -2.19
C LYS B 117 -26.16 -3.12 -3.45
N ALA B 118 -25.93 -4.41 -3.40
CA ALA B 118 -25.54 -5.15 -4.60
C ALA B 118 -26.66 -5.12 -5.63
N ILE B 119 -27.89 -5.29 -5.17
CA ILE B 119 -29.05 -5.25 -6.08
C ILE B 119 -29.15 -3.87 -6.69
N GLN B 120 -29.09 -2.84 -5.85
CA GLN B 120 -29.21 -1.47 -6.32
C GLN B 120 -28.21 -1.14 -7.41
N HIS B 121 -26.96 -1.56 -7.20
CA HIS B 121 -25.87 -1.24 -8.14
C HIS B 121 -25.67 -2.27 -9.26
N ARG B 122 -26.57 -3.25 -9.39
CA ARG B 122 -26.56 -4.18 -10.50
C ARG B 122 -25.23 -4.96 -10.55
N VAL B 123 -24.82 -5.43 -9.40
CA VAL B 123 -23.58 -6.17 -9.24
C VAL B 123 -23.90 -7.63 -8.94
N ALA B 124 -23.27 -8.54 -9.67
CA ALA B 124 -23.47 -9.96 -9.42
C ALA B 124 -22.62 -10.39 -8.22
N LEU B 125 -23.15 -11.34 -7.44
CA LEU B 125 -22.52 -11.85 -6.24
C LEU B 125 -22.21 -13.34 -6.33
N THR B 126 -21.17 -13.71 -5.60
CA THR B 126 -20.75 -15.07 -5.39
C THR B 126 -21.57 -15.73 -4.26
N VAL B 127 -22.11 -16.91 -4.54
CA VAL B 127 -22.77 -17.75 -3.53
C VAL B 127 -21.79 -18.81 -3.02
N PRO B 128 -21.36 -18.73 -1.75
CA PRO B 128 -20.38 -19.68 -1.25
C PRO B 128 -20.95 -20.92 -0.58
N SER B 129 -22.24 -20.87 -0.21
CA SER B 129 -22.84 -21.88 0.59
C SER B 129 -24.34 -21.70 0.55
N LYS B 130 -25.06 -22.76 0.91
CA LYS B 130 -26.51 -22.70 0.99
C LYS B 130 -26.96 -21.73 2.12
N GLN B 131 -26.25 -21.75 3.24
CA GLN B 131 -26.63 -20.90 4.38
C GLN B 131 -26.49 -19.42 4.05
N TRP B 132 -25.43 -19.05 3.35
CA TRP B 132 -25.27 -17.67 2.90
C TRP B 132 -26.48 -17.26 2.06
N LEU B 133 -26.88 -18.07 1.12
CA LEU B 133 -28.03 -17.72 0.28
C LEU B 133 -29.33 -17.53 1.07
N LYS B 134 -29.57 -18.40 2.02
CA LYS B 134 -30.74 -18.26 2.88
C LYS B 134 -30.71 -16.96 3.69
N GLU B 135 -29.54 -16.61 4.23
CA GLU B 135 -29.38 -15.34 4.92
C GLU B 135 -29.56 -14.15 3.99
N ALA B 136 -29.03 -14.23 2.79
CA ALA B 136 -29.17 -13.14 1.82
C ALA B 136 -30.63 -12.87 1.52
N ILE B 137 -31.39 -13.95 1.32
CA ILE B 137 -32.82 -13.88 1.03
C ILE B 137 -33.54 -13.20 2.17
N LYS B 138 -33.25 -13.56 3.42
CA LYS B 138 -33.89 -12.90 4.57
C LYS B 138 -33.60 -11.39 4.63
N ASN B 139 -32.49 -10.95 4.08
CA ASN B 139 -32.11 -9.53 4.16
C ASN B 139 -32.56 -8.66 2.98
N ILE B 140 -33.20 -9.25 1.97
CA ILE B 140 -33.74 -8.47 0.86
C ILE B 140 -35.01 -7.77 1.32
N SER B 141 -34.98 -6.45 1.40
CA SER B 141 -36.06 -5.68 2.03
C SER B 141 -37.29 -5.50 1.16
N GLY B 142 -37.13 -5.58 -0.17
CA GLY B 142 -38.20 -5.13 -1.10
C GLY B 142 -38.07 -3.70 -1.62
N GLU B 143 -37.15 -2.92 -1.06
CA GLU B 143 -36.90 -1.54 -1.52
C GLU B 143 -36.16 -1.54 -2.86
N GLN B 144 -35.34 -2.58 -3.09
CA GLN B 144 -34.62 -2.77 -4.34
C GLN B 144 -35.24 -3.99 -5.00
N GLU B 145 -35.97 -3.77 -6.09
CA GLU B 145 -36.81 -4.79 -6.75
C GLU B 145 -36.18 -5.46 -8.00
N LYS B 146 -35.02 -4.97 -8.42
CA LYS B 146 -34.33 -5.51 -9.58
C LYS B 146 -33.77 -6.90 -9.29
N LYS B 147 -33.40 -7.60 -10.36
CA LYS B 147 -32.88 -8.96 -10.22
C LYS B 147 -31.57 -8.98 -9.48
N LEU B 148 -31.35 -10.02 -8.68
CA LEU B 148 -30.07 -10.28 -8.05
C LEU B 148 -29.39 -11.38 -8.85
N TRP B 149 -28.26 -11.06 -9.46
CA TRP B 149 -27.52 -11.98 -10.29
C TRP B 149 -26.50 -12.73 -9.42
N LEU B 150 -26.50 -14.06 -9.52
CA LEU B 150 -25.73 -14.95 -8.67
C LEU B 150 -24.85 -15.88 -9.47
N HIS B 151 -23.60 -16.01 -9.05
CA HIS B 151 -22.68 -17.03 -9.56
C HIS B 151 -22.31 -17.93 -8.39
N ILE B 152 -22.57 -19.22 -8.56
CA ILE B 152 -22.35 -20.18 -7.49
C ILE B 152 -20.90 -20.64 -7.54
N LYS B 153 -20.21 -20.57 -6.39
CA LYS B 153 -18.82 -20.96 -6.33
C LYS B 153 -18.69 -22.38 -5.83
N LEU B 154 -18.02 -23.21 -6.61
CA LEU B 154 -17.65 -24.58 -6.24
C LEU B 154 -16.20 -24.67 -5.80
N ASP B 155 -15.96 -25.43 -4.74
CA ASP B 155 -14.62 -25.75 -4.28
C ASP B 155 -14.32 -27.15 -4.84
N THR B 156 -13.38 -27.17 -5.77
CA THR B 156 -12.87 -28.37 -6.37
C THR B 156 -11.44 -28.69 -5.95
N GLY B 157 -10.92 -28.01 -4.92
CA GLY B 157 -9.55 -28.28 -4.42
C GLY B 157 -8.80 -27.08 -3.84
N MET B 158 -9.23 -25.86 -4.15
CA MET B 158 -8.61 -24.66 -3.55
C MET B 158 -8.75 -24.62 -2.02
N GLY B 159 -9.85 -25.18 -1.53
CA GLY B 159 -10.08 -25.34 -0.11
C GLY B 159 -10.36 -24.02 0.63
N ARG B 160 -10.88 -23.02 -0.06
CA ARG B 160 -11.33 -21.80 0.64
C ARG B 160 -12.86 -21.94 0.76
N LEU B 161 -13.63 -20.88 0.66
CA LEU B 161 -15.08 -21.07 0.63
C LEU B 161 -15.51 -21.62 -0.75
N GLY B 162 -16.59 -22.37 -0.69
CA GLY B 162 -17.23 -22.84 -1.88
C GLY B 162 -17.89 -24.17 -1.55
N ILE B 163 -18.84 -24.51 -2.40
CA ILE B 163 -19.62 -25.70 -2.24
C ILE B 163 -18.80 -26.89 -2.78
N LYS B 164 -18.67 -27.93 -1.98
CA LYS B 164 -17.91 -29.08 -2.34
C LYS B 164 -18.70 -30.25 -2.87
N ASP B 165 -19.97 -30.32 -2.49
CA ASP B 165 -20.79 -31.48 -2.85
C ASP B 165 -21.90 -31.13 -3.81
N THR B 166 -22.17 -32.06 -4.72
CA THR B 166 -23.15 -31.86 -5.75
C THR B 166 -24.56 -31.61 -5.24
N ASN B 167 -24.99 -32.32 -4.20
CA ASN B 167 -26.33 -32.12 -3.65
C ASN B 167 -26.55 -30.70 -3.18
N THR B 168 -25.57 -30.13 -2.49
CA THR B 168 -25.66 -28.73 -2.07
C THR B 168 -25.79 -27.79 -3.29
N TYR B 169 -25.00 -28.03 -4.33
CA TYR B 169 -25.06 -27.25 -5.54
C TYR B 169 -26.49 -27.28 -6.13
N GLN B 170 -27.04 -28.50 -6.23
CA GLN B 170 -28.41 -28.68 -6.75
C GLN B 170 -29.43 -27.96 -5.87
N GLU B 171 -29.27 -28.03 -4.56
CA GLU B 171 -30.23 -27.38 -3.65
C GLU B 171 -30.21 -25.88 -3.79
N VAL B 172 -29.02 -25.32 -3.96
CA VAL B 172 -28.89 -23.87 -4.13
C VAL B 172 -29.59 -23.44 -5.39
N ILE B 173 -29.37 -24.17 -6.47
CA ILE B 173 -30.09 -23.87 -7.73
C ILE B 173 -31.61 -23.97 -7.51
N GLU B 174 -32.05 -25.01 -6.81
CA GLU B 174 -33.49 -25.16 -6.58
C GLU B 174 -34.06 -24.02 -5.74
N ILE B 175 -33.27 -23.50 -4.79
CA ILE B 175 -33.72 -22.34 -4.02
C ILE B 175 -33.83 -21.12 -4.93
N ILE B 176 -32.81 -20.90 -5.75
CA ILE B 176 -32.81 -19.77 -6.68
C ILE B 176 -34.07 -19.85 -7.60
N GLN B 177 -34.41 -21.06 -8.04
CA GLN B 177 -35.57 -21.25 -8.92
C GLN B 177 -36.92 -20.95 -8.29
N GLN B 178 -37.00 -20.93 -6.96
CA GLN B 178 -38.24 -20.61 -6.25
C GLN B 178 -38.45 -19.14 -6.00
N TYR B 179 -37.51 -18.28 -6.36
CA TYR B 179 -37.63 -16.81 -6.14
C TYR B 179 -37.38 -16.08 -7.44
N GLU B 180 -38.42 -15.43 -7.93
CA GLU B 180 -38.38 -14.74 -9.20
C GLU B 180 -37.26 -13.69 -9.24
N GLN B 181 -37.01 -13.01 -8.12
CA GLN B 181 -35.94 -11.98 -8.06
C GLN B 181 -34.49 -12.52 -8.21
N LEU B 182 -34.29 -13.77 -7.88
CA LEU B 182 -32.95 -14.39 -7.88
CA LEU B 182 -32.95 -14.39 -7.89
C LEU B 182 -32.65 -15.04 -9.24
N VAL B 183 -31.48 -14.76 -9.82
CA VAL B 183 -31.09 -15.34 -11.11
C VAL B 183 -29.82 -16.18 -10.95
N PHE B 184 -29.87 -17.39 -11.45
CA PHE B 184 -28.69 -18.27 -11.52
C PHE B 184 -27.94 -17.90 -12.79
N GLU B 185 -26.99 -16.98 -12.67
CA GLU B 185 -26.28 -16.44 -13.82
C GLU B 185 -25.03 -17.24 -14.19
N GLY B 186 -24.35 -17.76 -13.19
CA GLY B 186 -23.10 -18.44 -13.44
C GLY B 186 -22.72 -19.46 -12.41
N VAL B 187 -21.75 -20.27 -12.77
CA VAL B 187 -21.13 -21.21 -11.87
C VAL B 187 -19.64 -21.20 -12.14
N PHE B 188 -18.83 -21.28 -11.08
CA PHE B 188 -17.40 -21.24 -11.24
C PHE B 188 -16.63 -22.00 -10.16
N THR B 189 -15.37 -22.28 -10.49
CA THR B 189 -14.40 -22.75 -9.52
C THR B 189 -13.06 -22.06 -9.82
N HIS B 190 -12.03 -22.44 -9.09
CA HIS B 190 -10.72 -21.79 -9.16
C HIS B 190 -9.64 -22.83 -8.92
N PHE B 191 -8.59 -22.75 -9.72
CA PHE B 191 -7.45 -23.65 -9.62
C PHE B 191 -6.44 -23.24 -8.58
N ALA B 192 -5.97 -24.22 -7.80
CA ALA B 192 -4.93 -24.01 -6.79
C ALA B 192 -3.51 -24.01 -7.33
N CYS B 193 -3.23 -24.80 -8.37
CA CYS B 193 -1.88 -25.11 -8.81
C CYS B 193 -1.76 -25.07 -10.34
N ALA B 194 -2.54 -24.22 -11.00
CA ALA B 194 -2.49 -24.19 -12.47
C ALA B 194 -1.16 -23.67 -13.01
N ASP B 195 -0.37 -22.99 -12.17
CA ASP B 195 0.90 -22.42 -12.58
C ASP B 195 2.08 -23.36 -12.30
N GLU B 196 1.79 -24.61 -11.93
CA GLU B 196 2.84 -25.60 -11.73
C GLU B 196 2.47 -26.93 -12.42
N PRO B 197 3.47 -27.77 -12.74
CA PRO B 197 3.14 -29.07 -13.34
C PRO B 197 2.37 -29.97 -12.37
N GLY B 198 1.59 -30.91 -12.90
CA GLY B 198 0.98 -31.95 -12.08
C GLY B 198 -0.46 -32.22 -12.50
N ASP B 199 -1.10 -33.20 -11.88
CA ASP B 199 -2.48 -33.58 -12.23
C ASP B 199 -3.53 -32.75 -11.54
N MET B 200 -3.17 -31.91 -10.57
CA MET B 200 -4.21 -31.29 -9.78
C MET B 200 -5.17 -30.47 -10.63
N THR B 201 -4.64 -29.71 -11.58
CA THR B 201 -5.48 -28.85 -12.38
C THR B 201 -6.49 -29.62 -13.24
N THR B 202 -6.03 -30.67 -13.89
CA THR B 202 -6.93 -31.51 -14.68
CA THR B 202 -6.95 -31.50 -14.68
C THR B 202 -7.98 -32.19 -13.80
N GLU B 203 -7.58 -32.66 -12.62
CA GLU B 203 -8.54 -33.23 -11.65
C GLU B 203 -9.60 -32.21 -11.21
N GLN B 204 -9.20 -30.98 -10.95
CA GLN B 204 -10.17 -29.95 -10.57
C GLN B 204 -11.15 -29.67 -11.69
N TYR B 205 -10.65 -29.57 -12.92
CA TYR B 205 -11.48 -29.30 -14.10
C TYR B 205 -12.49 -30.42 -14.31
N GLN B 206 -12.06 -31.66 -14.18
CA GLN B 206 -12.96 -32.82 -14.31
C GLN B 206 -14.00 -32.85 -13.18
N ARG B 207 -13.59 -32.55 -11.97
CA ARG B 207 -14.54 -32.47 -10.84
C ARG B 207 -15.58 -31.38 -11.07
N PHE B 208 -15.15 -30.25 -11.63
CA PHE B 208 -16.04 -29.12 -11.94
C PHE B 208 -17.09 -29.55 -12.94
N LYS B 209 -16.65 -30.18 -14.02
CA LYS B 209 -17.58 -30.70 -15.00
C LYS B 209 -18.54 -31.73 -14.40
N ASP B 210 -18.03 -32.64 -13.56
CA ASP B 210 -18.89 -33.64 -12.92
C ASP B 210 -20.00 -33.00 -12.11
N MET B 211 -19.71 -31.93 -11.40
CA MET B 211 -20.75 -31.24 -10.59
C MET B 211 -21.70 -30.46 -11.50
N VAL B 212 -21.15 -29.70 -12.43
CA VAL B 212 -21.97 -28.83 -13.30
C VAL B 212 -22.91 -29.65 -14.21
N ASN B 213 -22.44 -30.81 -14.65
CA ASN B 213 -23.28 -31.73 -15.43
C ASN B 213 -24.44 -32.36 -14.67
N GLU B 214 -24.51 -32.23 -13.35
CA GLU B 214 -25.64 -32.78 -12.59
C GLU B 214 -26.79 -31.78 -12.35
N ALA B 215 -26.75 -30.64 -12.99
CA ALA B 215 -27.85 -29.67 -12.90
C ALA B 215 -27.98 -28.88 -14.18
N ILE B 216 -29.07 -28.12 -14.26
CA ILE B 216 -29.27 -27.17 -15.35
C ILE B 216 -28.07 -26.22 -15.42
N LYS B 217 -27.61 -25.91 -16.63
CA LYS B 217 -26.47 -25.07 -16.84
C LYS B 217 -26.85 -23.60 -16.91
N PRO B 218 -26.11 -22.73 -16.21
CA PRO B 218 -26.36 -21.31 -16.27
C PRO B 218 -25.65 -20.71 -17.49
N GLU B 219 -25.87 -19.43 -17.68
CA GLU B 219 -25.30 -18.72 -18.81
C GLU B 219 -23.77 -18.67 -18.81
N TYR B 220 -23.15 -18.47 -17.64
CA TYR B 220 -21.67 -18.35 -17.55
C TYR B 220 -21.08 -19.51 -16.77
N ILE B 221 -20.09 -20.14 -17.37
CA ILE B 221 -19.40 -21.28 -16.76
C ILE B 221 -17.91 -20.99 -16.85
N HIS B 222 -17.22 -20.85 -15.71
CA HIS B 222 -15.87 -20.32 -15.73
C HIS B 222 -14.96 -20.94 -14.64
N CYS B 223 -13.74 -21.30 -15.04
CA CYS B 223 -12.76 -21.82 -14.10
C CYS B 223 -11.31 -21.37 -14.24
N GLN B 224 -10.95 -20.68 -15.34
CA GLN B 224 -9.55 -20.41 -15.66
C GLN B 224 -9.07 -19.00 -15.25
N ASN B 225 -8.03 -18.98 -14.45
CA ASN B 225 -7.24 -17.80 -14.13
C ASN B 225 -6.23 -17.59 -15.28
N SER B 226 -5.22 -16.73 -15.10
CA SER B 226 -4.24 -16.51 -16.15
C SER B 226 -3.57 -17.82 -16.57
N ALA B 227 -3.10 -18.57 -15.58
CA ALA B 227 -2.37 -19.81 -15.87
C ALA B 227 -3.27 -20.81 -16.61
N GLY B 228 -4.48 -20.99 -16.09
CA GLY B 228 -5.46 -21.85 -16.77
C GLY B 228 -5.79 -21.45 -18.19
N SER B 229 -5.88 -20.14 -18.40
CA SER B 229 -6.22 -19.57 -19.69
C SER B 229 -5.09 -19.71 -20.68
N LEU B 230 -3.85 -19.66 -20.19
CA LEU B 230 -2.68 -19.80 -21.04
C LEU B 230 -2.35 -21.23 -21.38
N LEU B 231 -2.71 -22.20 -20.52
CA LEU B 231 -2.28 -23.59 -20.69
C LEU B 231 -3.37 -24.55 -21.18
N MET B 232 -4.64 -24.19 -21.09
CA MET B 232 -5.73 -25.12 -21.38
C MET B 232 -6.79 -24.42 -22.16
N ASP B 233 -7.49 -25.19 -22.98
CA ASP B 233 -8.63 -24.67 -23.71
C ASP B 233 -9.88 -24.65 -22.82
N CYS B 234 -10.11 -25.71 -22.07
CA CYS B 234 -11.32 -25.91 -21.29
C CYS B 234 -12.60 -25.60 -22.06
N GLN B 235 -12.90 -26.39 -23.09
CA GLN B 235 -14.06 -26.18 -23.94
C GLN B 235 -15.39 -26.13 -23.25
N PHE B 236 -15.49 -26.80 -22.12
CA PHE B 236 -16.71 -26.83 -21.33
C PHE B 236 -17.10 -25.42 -20.80
N CYS B 237 -16.10 -24.60 -20.49
CA CYS B 237 -16.33 -23.24 -19.99
C CYS B 237 -16.61 -22.26 -21.11
N ASN B 238 -17.35 -21.19 -20.83
CA ASN B 238 -17.61 -20.19 -21.85
C ASN B 238 -17.16 -18.78 -21.37
N ALA B 239 -16.41 -18.73 -20.28
CA ALA B 239 -15.75 -17.52 -19.84
C ALA B 239 -14.46 -17.85 -19.11
N ILE B 240 -13.51 -16.91 -19.17
CA ILE B 240 -12.21 -17.01 -18.46
C ILE B 240 -12.03 -15.78 -17.56
N ARG B 241 -11.17 -15.92 -16.55
CA ARG B 241 -10.90 -14.88 -15.54
C ARG B 241 -9.41 -14.58 -15.42
N PRO B 242 -8.79 -14.02 -16.47
CA PRO B 242 -7.40 -13.65 -16.35
C PRO B 242 -7.23 -12.34 -15.55
N GLY B 243 -6.25 -12.34 -14.64
CA GLY B 243 -5.85 -11.15 -13.92
C GLY B 243 -4.43 -10.75 -14.30
N ILE B 244 -3.44 -11.34 -13.66
CA ILE B 244 -2.07 -10.85 -13.77
C ILE B 244 -1.54 -10.79 -15.21
N SER B 245 -1.94 -11.74 -16.06
CA SER B 245 -1.46 -11.72 -17.40
C SER B 245 -2.07 -10.62 -18.28
N LEU B 246 -3.22 -10.06 -17.89
CA LEU B 246 -3.71 -8.86 -18.55
C LEU B 246 -2.75 -7.72 -18.40
N TYR B 247 -2.05 -7.69 -17.28
CA TYR B 247 -1.14 -6.62 -16.96
C TYR B 247 0.26 -6.88 -17.49
N GLY B 248 0.46 -8.06 -18.07
CA GLY B 248 1.63 -8.35 -18.84
C GLY B 248 2.62 -9.27 -18.17
N TYR B 249 2.21 -9.98 -17.11
CA TYR B 249 3.11 -10.85 -16.34
C TYR B 249 2.65 -12.29 -16.40
N TYR B 250 3.62 -13.20 -16.58
CA TYR B 250 3.33 -14.62 -16.49
C TYR B 250 3.09 -15.00 -15.01
N PRO B 251 2.11 -15.86 -14.72
CA PRO B 251 1.86 -16.25 -13.35
C PRO B 251 2.97 -17.01 -12.68
N SER B 252 3.80 -17.68 -13.46
CA SER B 252 5.00 -18.30 -12.94
C SER B 252 5.99 -18.48 -14.06
N GLU B 253 7.20 -18.82 -13.68
CA GLU B 253 8.26 -19.14 -14.64
C GLU B 253 7.91 -20.38 -15.43
N TYR B 254 7.35 -21.38 -14.77
CA TYR B 254 6.90 -22.58 -15.43
C TYR B 254 5.95 -22.23 -16.58
N VAL B 255 4.96 -21.39 -16.31
CA VAL B 255 4.02 -20.99 -17.37
C VAL B 255 4.73 -20.28 -18.52
N GLN B 256 5.60 -19.31 -18.21
CA GLN B 256 6.38 -18.60 -19.23
C GLN B 256 7.16 -19.58 -20.11
N GLN B 257 7.80 -20.59 -19.49
CA GLN B 257 8.57 -21.57 -20.23
C GLN B 257 7.69 -22.45 -21.13
N LYS B 258 6.47 -22.74 -20.70
CA LYS B 258 5.56 -23.60 -21.47
C LYS B 258 4.82 -22.94 -22.62
N VAL B 259 4.54 -21.65 -22.56
CA VAL B 259 3.68 -21.03 -23.57
C VAL B 259 4.42 -20.16 -24.59
N LYS B 260 3.86 -20.07 -25.78
CA LYS B 260 4.41 -19.25 -26.86
C LYS B 260 3.90 -17.82 -26.92
N VAL B 261 2.82 -17.51 -26.23
CA VAL B 261 2.25 -16.16 -26.35
C VAL B 261 3.18 -15.18 -25.64
N HIS B 262 3.34 -14.02 -26.25
CA HIS B 262 4.13 -12.94 -25.68
C HIS B 262 3.20 -12.00 -24.92
N LEU B 263 3.48 -11.80 -23.64
CA LEU B 263 2.76 -10.80 -22.85
C LEU B 263 3.62 -9.54 -22.73
N LYS B 264 2.99 -8.37 -22.74
CA LYS B 264 3.66 -7.07 -22.70
C LYS B 264 3.51 -6.50 -21.31
N PRO B 265 4.63 -6.40 -20.57
CA PRO B 265 4.59 -5.75 -19.25
C PRO B 265 4.07 -4.30 -19.34
N SER B 266 3.20 -3.92 -18.42
CA SER B 266 2.50 -2.62 -18.49
C SER B 266 3.04 -1.54 -17.53
N VAL B 267 3.90 -1.92 -16.59
CA VAL B 267 4.31 -1.03 -15.51
C VAL B 267 5.80 -0.69 -15.55
N GLN B 268 6.10 0.60 -15.40
CA GLN B 268 7.43 1.03 -14.95
C GLN B 268 7.28 1.80 -13.64
N LEU B 269 8.28 1.67 -12.77
CA LEU B 269 8.39 2.51 -11.59
C LEU B 269 9.62 3.38 -11.76
N ILE B 270 9.41 4.71 -11.75
CA ILE B 270 10.42 5.69 -12.11
C ILE B 270 10.60 6.68 -10.98
N ALA B 271 11.83 7.13 -10.77
CA ALA B 271 12.09 8.29 -9.92
C ALA B 271 13.27 9.05 -10.51
N ASN B 272 13.30 10.36 -10.30
CA ASN B 272 14.40 11.18 -10.78
C ASN B 272 15.35 11.49 -9.64
N VAL B 273 16.64 11.56 -9.96
CA VAL B 273 17.65 11.91 -8.97
C VAL B 273 17.36 13.33 -8.52
N VAL B 274 17.28 13.54 -7.21
CA VAL B 274 17.06 14.87 -6.68
C VAL B 274 18.38 15.63 -6.74
N GLN B 275 19.41 15.06 -6.11
CA GLN B 275 20.79 15.59 -6.27
C GLN B 275 21.78 14.46 -5.98
N THR B 276 23.00 14.65 -6.45
CA THR B 276 24.11 13.78 -6.11
C THR B 276 25.00 14.45 -5.08
N LYS B 277 25.79 13.62 -4.42
CA LYS B 277 26.65 14.03 -3.31
C LYS B 277 27.87 13.11 -3.25
N THR B 278 28.98 13.61 -2.73
CA THR B 278 30.22 12.82 -2.61
C THR B 278 30.43 12.43 -1.17
N LEU B 279 30.46 11.14 -0.86
CA LEU B 279 30.89 10.67 0.45
C LEU B 279 32.37 10.48 0.41
N GLN B 280 33.05 10.89 1.47
CA GLN B 280 34.45 10.57 1.67
C GLN B 280 34.56 9.29 2.48
N ALA B 281 35.74 8.67 2.40
CA ALA B 281 36.08 7.48 3.18
C ALA B 281 35.73 7.70 4.65
N GLY B 282 35.06 6.72 5.25
CA GLY B 282 34.64 6.80 6.66
C GLY B 282 33.28 7.43 6.90
N GLU B 283 32.66 8.02 5.88
CA GLU B 283 31.32 8.60 6.04
C GLU B 283 30.27 7.56 5.71
N SER B 284 29.24 7.51 6.55
CA SER B 284 28.17 6.53 6.43
C SER B 284 26.93 7.17 5.80
N VAL B 285 25.98 6.34 5.45
CA VAL B 285 24.74 6.85 4.88
C VAL B 285 23.53 6.11 5.44
N SER B 286 22.51 6.91 5.75
CA SER B 286 21.18 6.47 6.13
C SER B 286 21.10 5.85 7.55
N TYR B 287 19.90 5.40 7.92
CA TYR B 287 19.66 4.93 9.31
C TYR B 287 20.54 3.75 9.66
N GLY B 288 21.08 3.76 10.87
CA GLY B 288 21.90 2.67 11.33
C GLY B 288 23.33 2.67 10.79
N ALA B 289 23.68 3.64 9.94
CA ALA B 289 25.04 3.75 9.38
C ALA B 289 25.47 2.39 8.79
N THR B 290 24.58 1.79 8.02
CA THR B 290 24.79 0.41 7.55
C THR B 290 25.66 0.32 6.30
N TYR B 291 25.92 1.47 5.66
CA TYR B 291 26.89 1.56 4.57
C TYR B 291 27.87 2.66 4.92
N THR B 292 29.16 2.34 4.84
CA THR B 292 30.24 3.30 5.07
C THR B 292 31.15 3.26 3.84
N ALA B 293 31.45 4.43 3.28
CA ALA B 293 32.37 4.51 2.14
C ALA B 293 33.80 4.17 2.56
N THR B 294 34.45 3.35 1.73
CA THR B 294 35.88 3.00 1.89
C THR B 294 36.78 4.00 1.14
N ASP B 295 36.33 4.48 -0.02
CA ASP B 295 37.00 5.56 -0.80
C ASP B 295 35.94 6.53 -1.39
N PRO B 296 36.38 7.68 -1.98
CA PRO B 296 35.42 8.66 -2.52
C PRO B 296 34.34 8.05 -3.43
N THR B 297 33.09 8.20 -3.01
CA THR B 297 31.95 7.53 -3.59
C THR B 297 30.89 8.58 -3.89
N THR B 298 30.40 8.64 -5.12
CA THR B 298 29.26 9.47 -5.45
C THR B 298 27.95 8.71 -5.15
N ILE B 299 27.02 9.40 -4.48
CA ILE B 299 25.70 8.86 -4.21
C ILE B 299 24.62 9.77 -4.79
N ALA B 300 23.47 9.18 -5.07
CA ALA B 300 22.32 9.87 -5.60
C ALA B 300 21.15 9.62 -4.66
N LEU B 301 20.40 10.68 -4.34
CA LEU B 301 19.19 10.60 -3.55
C LEU B 301 17.96 10.55 -4.44
N LEU B 302 17.11 9.55 -4.24
CA LEU B 302 15.89 9.34 -4.96
C LEU B 302 14.71 9.60 -4.04
N PRO B 303 13.69 10.33 -4.52
CA PRO B 303 12.53 10.68 -3.73
C PRO B 303 11.47 9.55 -3.75
N ILE B 304 11.86 8.38 -3.30
CA ILE B 304 10.96 7.24 -3.19
C ILE B 304 11.48 6.36 -2.06
N GLY B 305 10.58 5.70 -1.34
CA GLY B 305 10.95 4.87 -0.23
C GLY B 305 9.93 3.79 0.07
N TYR B 306 10.05 3.19 1.24
CA TYR B 306 9.17 2.07 1.56
C TYR B 306 7.71 2.40 1.78
N ALA B 307 7.38 3.65 2.11
CA ALA B 307 5.96 4.04 2.14
C ALA B 307 5.35 4.11 0.76
N ASP B 308 6.18 4.12 -0.28
CA ASP B 308 5.71 3.99 -1.67
C ASP B 308 5.58 2.55 -2.15
N GLY B 309 6.03 1.60 -1.34
CA GLY B 309 6.06 0.18 -1.72
C GLY B 309 7.40 -0.33 -2.19
N TYR B 310 8.44 0.54 -2.21
CA TYR B 310 9.81 0.11 -2.50
C TYR B 310 10.43 -0.31 -1.17
N LEU B 311 10.16 -1.56 -0.80
CA LEU B 311 10.35 -1.99 0.59
C LEU B 311 11.83 -2.01 1.05
N ARG B 312 12.02 -2.06 2.37
CA ARG B 312 13.36 -2.01 2.97
C ARG B 312 14.27 -3.12 2.44
N ILE B 313 13.68 -4.28 2.17
CA ILE B 313 14.45 -5.42 1.67
C ILE B 313 15.12 -5.14 0.31
N MET B 314 14.70 -4.09 -0.39
CA MET B 314 15.32 -3.68 -1.65
C MET B 314 16.78 -3.21 -1.51
N GLN B 315 17.23 -2.89 -0.31
CA GLN B 315 18.63 -2.59 -0.09
C GLN B 315 19.52 -3.71 -0.67
N GLY B 316 20.54 -3.33 -1.43
CA GLY B 316 21.39 -4.28 -2.14
C GLY B 316 20.95 -4.60 -3.57
N SER B 317 19.79 -4.11 -4.00
N SER B 317 19.80 -4.15 -4.02
CA SER B 317 19.34 -4.28 -5.40
CA SER B 317 19.37 -4.37 -5.41
C SER B 317 20.08 -3.33 -6.31
C SER B 317 19.98 -3.30 -6.31
N PHE B 318 19.90 -3.55 -7.62
CA PHE B 318 20.40 -2.66 -8.63
C PHE B 318 19.19 -1.99 -9.30
N VAL B 319 19.38 -0.70 -9.59
CA VAL B 319 18.43 0.09 -10.35
C VAL B 319 19.16 0.63 -11.57
N ASN B 320 18.43 1.17 -12.53
CA ASN B 320 18.98 1.62 -13.80
C ASN B 320 18.95 3.13 -13.83
N VAL B 321 20.11 3.74 -13.59
CA VAL B 321 20.22 5.20 -13.55
C VAL B 321 20.78 5.64 -14.88
N ASN B 322 19.88 6.16 -15.71
CA ASN B 322 20.24 6.69 -17.02
C ASN B 322 21.16 5.73 -17.81
N GLY B 323 20.84 4.43 -17.77
CA GLY B 323 21.62 3.39 -18.46
C GLY B 323 22.63 2.61 -17.62
N HIS B 324 23.04 3.15 -16.47
CA HIS B 324 24.04 2.53 -15.61
C HIS B 324 23.38 1.70 -14.52
N GLN B 325 23.84 0.48 -14.32
CA GLN B 325 23.37 -0.38 -13.21
C GLN B 325 24.01 0.09 -11.88
N CYS B 326 23.17 0.51 -10.93
CA CYS B 326 23.63 1.17 -9.68
C CYS B 326 23.00 0.53 -8.46
N GLU B 327 23.82 0.31 -7.44
CA GLU B 327 23.40 -0.39 -6.24
C GLU B 327 22.66 0.53 -5.23
N VAL B 328 21.55 0.04 -4.69
CA VAL B 328 20.87 0.69 -3.57
C VAL B 328 21.69 0.39 -2.33
N ILE B 329 22.16 1.45 -1.67
CA ILE B 329 23.03 1.32 -0.52
C ILE B 329 22.43 2.04 0.69
N GLY B 330 22.82 1.57 1.87
CA GLY B 330 22.25 2.03 3.13
C GLY B 330 20.79 1.62 3.24
N ARG B 331 20.21 1.89 4.39
CA ARG B 331 18.80 1.57 4.60
C ARG B 331 17.92 2.40 3.67
N VAL B 332 16.94 1.72 3.11
CA VAL B 332 15.84 2.38 2.43
C VAL B 332 14.99 3.05 3.51
N CYS B 333 14.67 4.33 3.30
CA CYS B 333 13.87 5.11 4.25
C CYS B 333 12.42 5.16 3.78
N MET B 334 11.56 5.72 4.62
CA MET B 334 10.13 5.80 4.32
CA MET B 334 10.11 5.82 4.31
C MET B 334 9.89 6.53 2.98
N ASP B 335 10.64 7.59 2.77
CA ASP B 335 10.44 8.49 1.63
C ASP B 335 11.65 8.69 0.72
N GLN B 336 12.78 8.05 1.02
CA GLN B 336 14.04 8.31 0.32
C GLN B 336 14.85 7.04 0.18
N THR B 337 15.57 6.94 -0.95
CA THR B 337 16.41 5.78 -1.25
C THR B 337 17.75 6.32 -1.74
N ILE B 338 18.84 5.71 -1.29
CA ILE B 338 20.17 6.15 -1.71
C ILE B 338 20.80 5.11 -2.68
N VAL B 339 21.38 5.60 -3.77
CA VAL B 339 22.01 4.75 -4.79
C VAL B 339 23.45 5.20 -5.03
N LYS B 340 24.34 4.23 -5.20
CA LYS B 340 25.75 4.48 -5.50
C LYS B 340 25.88 4.60 -7.01
N VAL B 341 26.48 5.69 -7.48
CA VAL B 341 26.42 6.05 -8.89
C VAL B 341 27.77 6.48 -9.42
N PRO B 342 27.98 6.31 -10.74
CA PRO B 342 29.17 6.87 -11.37
C PRO B 342 29.09 8.40 -11.47
N ASP B 343 30.24 9.05 -11.64
CA ASP B 343 30.34 10.52 -11.62
C ASP B 343 29.54 11.24 -12.71
N GLN B 344 29.25 10.55 -13.82
CA GLN B 344 28.41 11.08 -14.90
C GLN B 344 26.93 11.34 -14.48
N VAL B 345 26.43 10.60 -13.50
CA VAL B 345 25.07 10.79 -13.00
C VAL B 345 24.92 12.19 -12.39
N LYS B 346 23.82 12.87 -12.75
CA LYS B 346 23.49 14.20 -12.23
C LYS B 346 21.99 14.35 -11.87
N ALA B 347 21.70 15.43 -11.15
CA ALA B 347 20.34 15.79 -10.75
C ALA B 347 19.42 15.82 -11.95
N GLY B 348 18.22 15.23 -11.77
CA GLY B 348 17.26 15.16 -12.85
C GLY B 348 17.31 13.90 -13.69
N ASP B 349 18.36 13.09 -13.57
CA ASP B 349 18.44 11.83 -14.34
C ASP B 349 17.32 10.89 -13.93
N SER B 350 16.73 10.22 -14.92
CA SER B 350 15.71 9.21 -14.69
C SER B 350 16.29 7.92 -14.18
N VAL B 351 15.59 7.32 -13.23
CA VAL B 351 15.95 6.05 -12.67
C VAL B 351 14.78 5.10 -12.87
N ILE B 352 15.05 3.95 -13.49
CA ILE B 352 14.08 2.90 -13.59
C ILE B 352 14.32 1.92 -12.44
N LEU B 353 13.34 1.81 -11.55
CA LEU B 353 13.37 0.89 -10.43
C LEU B 353 12.61 -0.39 -10.76
N ILE B 354 11.54 -0.30 -11.54
CA ILE B 354 10.86 -1.47 -12.10
C ILE B 354 10.70 -1.19 -13.58
N ASP B 355 11.20 -2.10 -14.39
CA ASP B 355 11.24 -1.93 -15.83
C ASP B 355 10.14 -2.75 -16.50
N ASN B 356 9.66 -2.27 -17.65
CA ASN B 356 8.58 -2.94 -18.40
C ASN B 356 9.15 -3.94 -19.41
N HIS B 357 10.12 -4.75 -18.98
CA HIS B 357 10.68 -5.82 -19.81
C HIS B 357 10.94 -6.98 -18.87
N ARG B 358 10.59 -8.18 -19.32
CA ARG B 358 10.79 -9.37 -18.49
CA ARG B 358 10.79 -9.40 -18.53
C ARG B 358 12.29 -9.71 -18.33
N GLU B 359 13.08 -9.54 -19.39
CA GLU B 359 14.52 -9.86 -19.37
C GLU B 359 15.32 -8.63 -18.97
N SER B 360 15.19 -8.23 -17.73
CA SER B 360 15.79 -6.99 -17.27
C SER B 360 16.17 -7.23 -15.83
N PRO B 361 17.29 -6.63 -15.40
CA PRO B 361 17.63 -6.69 -13.96
C PRO B 361 16.69 -5.89 -13.04
N GLN B 362 15.77 -5.12 -13.63
CA GLN B 362 14.73 -4.42 -12.90
C GLN B 362 13.33 -4.94 -13.23
N SER B 363 13.25 -6.16 -13.77
CA SER B 363 11.95 -6.73 -14.04
C SER B 363 11.18 -6.91 -12.72
N VAL B 364 9.86 -6.96 -12.80
N VAL B 364 9.85 -6.95 -12.81
CA VAL B 364 9.04 -7.28 -11.63
CA VAL B 364 9.02 -7.26 -11.65
C VAL B 364 9.43 -8.61 -10.98
C VAL B 364 9.34 -8.62 -11.00
N GLU B 365 9.81 -9.60 -11.79
CA GLU B 365 10.19 -10.90 -11.26
C GLU B 365 11.51 -10.84 -10.44
N VAL B 366 12.46 -10.02 -10.89
CA VAL B 366 13.74 -9.85 -10.19
C VAL B 366 13.48 -9.12 -8.85
N VAL B 367 12.62 -8.11 -8.90
CA VAL B 367 12.20 -7.40 -7.71
C VAL B 367 11.48 -8.35 -6.75
N ALA B 368 10.62 -9.21 -7.28
CA ALA B 368 9.95 -10.21 -6.45
C ALA B 368 10.94 -11.17 -5.77
N GLU B 369 11.96 -11.59 -6.52
CA GLU B 369 13.01 -12.46 -5.94
C GLU B 369 13.74 -11.74 -4.80
N LYS B 370 14.09 -10.46 -5.00
CA LYS B 370 14.73 -9.67 -3.91
C LYS B 370 13.82 -9.58 -2.67
N GLN B 371 12.52 -9.44 -2.89
CA GLN B 371 11.51 -9.37 -1.85
C GLN B 371 11.08 -10.75 -1.29
N HIS B 372 11.61 -11.85 -1.84
CA HIS B 372 11.26 -13.21 -1.42
C HIS B 372 9.76 -13.40 -1.52
N THR B 373 9.21 -13.00 -2.66
CA THR B 373 7.77 -13.08 -2.87
C THR B 373 7.47 -13.33 -4.34
N ILE B 374 6.24 -13.06 -4.77
CA ILE B 374 5.81 -13.27 -6.15
C ILE B 374 5.46 -11.91 -6.76
N ASN B 375 5.49 -11.87 -8.09
CA ASN B 375 5.22 -10.64 -8.87
C ASN B 375 3.92 -9.95 -8.44
N TYR B 376 2.87 -10.73 -8.18
CA TYR B 376 1.59 -10.20 -7.70
C TYR B 376 1.75 -9.20 -6.52
N GLU B 377 2.58 -9.57 -5.56
CA GLU B 377 2.74 -8.79 -4.33
C GLU B 377 3.56 -7.56 -4.58
N VAL B 378 4.55 -7.65 -5.45
CA VAL B 378 5.37 -6.49 -5.78
C VAL B 378 4.46 -5.34 -6.29
N LEU B 379 3.53 -5.70 -7.16
CA LEU B 379 2.59 -4.75 -7.75
C LEU B 379 1.59 -4.25 -6.72
N CYS B 380 1.04 -5.13 -5.89
CA CYS B 380 0.08 -4.73 -4.88
C CYS B 380 0.67 -3.80 -3.83
N ASN B 381 1.98 -3.94 -3.58
CA ASN B 381 2.68 -3.11 -2.61
C ASN B 381 2.75 -1.61 -3.00
N LEU B 382 2.61 -1.28 -4.29
CA LEU B 382 2.83 0.08 -4.75
C LEU B 382 1.70 0.96 -4.20
N SER B 383 2.07 1.96 -3.42
CA SER B 383 1.11 2.60 -2.54
C SER B 383 0.36 3.74 -3.21
N ARG B 384 -0.62 4.24 -2.49
CA ARG B 384 -1.44 5.35 -2.97
C ARG B 384 -0.64 6.65 -3.22
N ARG B 385 0.53 6.77 -2.62
CA ARG B 385 1.32 8.00 -2.76
C ARG B 385 1.93 8.15 -4.14
N LEU B 386 2.12 7.02 -4.87
CA LEU B 386 2.63 7.10 -6.22
C LEU B 386 1.57 7.55 -7.21
N PRO B 387 1.82 8.68 -7.91
CA PRO B 387 0.97 8.94 -9.06
C PRO B 387 1.03 7.81 -10.13
N ARG B 388 -0.07 7.56 -10.80
CA ARG B 388 -0.09 6.70 -11.96
C ARG B 388 -0.23 7.57 -13.16
N ILE B 389 0.72 7.45 -14.08
CA ILE B 389 0.68 8.17 -15.34
C ILE B 389 0.33 7.19 -16.46
N TYR B 390 -0.84 7.36 -17.01
CA TYR B 390 -1.39 6.46 -17.99
C TYR B 390 -1.02 6.91 -19.38
N HIS B 391 -0.62 5.95 -20.21
CA HIS B 391 -0.29 6.19 -21.60
C HIS B 391 -1.32 5.43 -22.44
N ASP B 392 -2.00 6.19 -23.29
CA ASP B 392 -2.88 5.65 -24.30
C ASP B 392 -2.60 6.38 -25.62
N GLY B 393 -1.76 5.80 -26.47
CA GLY B 393 -1.35 6.42 -27.70
C GLY B 393 -0.46 7.61 -27.40
N ASP B 394 -0.73 8.74 -28.05
CA ASP B 394 -0.15 10.04 -27.69
C ASP B 394 -0.66 10.59 -26.34
N GLN B 395 -1.89 10.19 -25.95
CA GLN B 395 -2.53 10.83 -24.80
C GLN B 395 -2.05 10.28 -23.48
N ARG B 396 -1.97 11.19 -22.52
CA ARG B 396 -1.39 10.96 -21.23
CA ARG B 396 -1.40 10.96 -21.21
C ARG B 396 -2.43 11.44 -20.20
N PHE B 397 -2.60 10.69 -19.11
CA PHE B 397 -3.51 11.05 -18.01
C PHE B 397 -2.81 10.73 -16.69
N VAL B 398 -2.97 11.60 -15.71
CA VAL B 398 -2.37 11.43 -14.40
C VAL B 398 -3.44 11.26 -13.31
N THR B 399 -3.28 10.25 -12.47
N THR B 399 -3.29 10.25 -12.46
CA THR B 399 -4.07 10.10 -11.23
CA THR B 399 -4.10 10.13 -11.24
C THR B 399 -3.11 10.25 -10.06
C THR B 399 -3.20 10.16 -10.03
N ASN B 400 -3.46 11.13 -9.14
CA ASN B 400 -2.68 11.33 -7.92
C ASN B 400 -3.74 11.32 -6.82
N GLU B 401 -3.82 10.21 -6.10
CA GLU B 401 -4.86 9.98 -5.11
C GLU B 401 -4.88 11.00 -3.97
N LEU B 402 -3.68 11.52 -3.63
CA LEU B 402 -3.56 12.52 -2.57
C LEU B 402 -4.34 13.79 -2.87
N LEU B 403 -4.48 14.13 -4.14
CA LEU B 403 -5.12 15.37 -4.55
C LEU B 403 -6.55 15.19 -5.06
N LYS B 404 -7.17 14.04 -4.81
CA LYS B 404 -8.66 13.83 -4.93
C LYS B 404 -9.61 14.84 -4.21
O3P EOW C . 11.31 8.08 13.91
P EOW C . 10.23 9.07 13.67
O1P EOW C . 8.92 8.45 13.16
O2P EOW C . 9.88 9.87 14.93
O4P EOW C . 10.80 10.11 12.59
C5A EOW C . 10.08 11.36 12.33
C5 EOW C . 10.85 12.16 11.30
C6 EOW C . 11.57 13.28 11.71
N1 EOW C . 12.28 14.04 10.85
C4 EOW C . 10.93 11.78 9.87
C4A EOW C . 10.10 10.72 9.32
C3 EOW C . 11.68 12.66 8.95
O3 EOW C . 11.77 12.38 7.63
C2 EOW C . 12.41 13.79 9.52
C2A EOW C . 13.21 14.71 8.67
C1 EOW C . 14.38 14.16 7.89
C7 EOW C . 14.49 14.92 6.63
C8 EOW C . 14.57 15.58 5.54
NA NA D . 0.54 -2.08 0.68
NA NA E . 14.82 37.50 3.09
NA NA F . -1.45 -15.22 -4.79
C1 MPD G . 6.79 -17.61 5.26
C2 MPD G . 6.78 -18.86 4.38
O2 MPD G . 8.11 -19.23 4.08
CM MPD G . 6.15 -19.99 5.20
C3 MPD G . 6.06 -18.70 3.03
C4 MPD G . 5.90 -17.30 2.43
O4 MPD G . 7.12 -16.56 2.33
C5 MPD G . 5.31 -17.40 1.02
C1 MPD H . 16.67 8.84 28.44
C2 MPD H . 16.20 9.47 29.75
O2 MPD H . 14.79 9.25 29.87
CM MPD H . 16.91 8.77 30.92
C3 MPD H . 16.48 10.98 29.83
C4 MPD H . 15.73 11.84 28.79
O4 MPD H . 14.41 12.18 29.23
C5 MPD H . 16.48 13.15 28.53
C1 MPD I . 0.09 28.99 7.71
C2 MPD I . -1.12 29.85 7.36
O2 MPD I . -2.06 29.73 8.43
CM MPD I . -0.68 31.31 7.29
C3 MPD I . -1.76 29.41 6.01
C4 MPD I . -3.22 28.93 6.05
O4 MPD I . -4.09 29.98 6.51
C5 MPD I . -3.72 28.47 4.69
C ACT J . -4.63 -14.19 -5.50
O ACT J . -3.80 -14.33 -4.55
OXT ACT J . -5.86 -14.07 -5.27
CH3 ACT J . -4.12 -14.20 -6.93
C ACT K . -19.48 -10.64 9.19
O ACT K . -19.58 -9.90 10.21
OXT ACT K . -18.93 -11.78 9.21
CH3 ACT K . -20.01 -10.13 7.88
C ACT L . 14.16 25.10 24.23
O ACT L . 14.14 24.12 25.03
OXT ACT L . 15.19 25.45 23.63
CH3 ACT L . 12.95 25.91 23.88
C ACT M . 21.98 2.88 30.43
O ACT M . 22.91 3.04 31.27
OXT ACT M . 21.61 3.80 29.66
CH3 ACT M . 21.28 1.56 30.34
C ACT N . -17.43 -0.72 12.97
O ACT N . -17.34 0.18 13.85
OXT ACT N . -18.04 -0.52 11.89
CH3 ACT N . -16.82 -2.07 13.23
O3P EOW O . -3.59 -15.52 -11.43
P EOW O . -4.57 -14.49 -11.90
O1P EOW O . -4.93 -14.58 -13.38
O2P EOW O . -4.16 -13.06 -11.63
O4P EOW O . -5.91 -14.82 -11.07
C5A EOW O . -7.13 -14.12 -11.41
C5 EOW O . -8.26 -14.60 -10.51
C6 EOW O . -9.24 -15.44 -11.03
N1 EOW O . -10.26 -15.90 -10.26
C4 EOW O . -8.32 -14.23 -9.07
C4A EOW O . -7.44 -13.22 -8.51
C3 EOW O . -9.47 -14.71 -8.30
O3 EOW O . -9.62 -14.40 -7.00
C2 EOW O . -10.43 -15.60 -8.96
C2A EOW O . -11.63 -16.15 -8.21
C1 EOW O . -11.39 -17.02 -7.01
C7 EOW O . -12.51 -16.73 -6.06
C8 EOW O . -13.48 -16.46 -5.26
NA NA P . -35.23 -17.36 -9.75
NA NA Q . 12.99 3.94 8.46
NA NA R . -16.66 -23.05 -24.61
CL CL S . -11.40 -20.32 -4.06
C1 MPD T . 20.38 -6.56 3.77
C2 MPD T . 18.88 -6.71 4.04
O2 MPD T . 18.24 -6.49 2.77
CM MPD T . 18.60 -8.12 4.52
C3 MPD T . 18.42 -5.68 5.08
C4 MPD T . 16.99 -5.14 4.96
O4 MPD T . 16.01 -6.19 5.00
C5 MPD T . 16.67 -4.18 6.09
C1 MPD U . -19.05 -4.87 6.58
C2 MPD U . -20.42 -4.22 6.75
O2 MPD U . -20.85 -3.71 5.49
CM MPD U . -21.43 -5.29 7.21
C3 MPD U . -20.28 -3.08 7.79
C4 MPD U . -21.53 -2.21 8.00
O4 MPD U . -22.65 -2.98 8.46
C5 MPD U . -21.24 -1.14 9.04
C1 MPD V . -24.90 -4.46 -16.00
C2 MPD V . -25.69 -3.15 -16.08
O2 MPD V . -25.63 -2.68 -17.43
CM MPD V . -27.13 -3.46 -15.73
C3 MPD V . -25.06 -2.07 -15.17
C4 MPD V . -25.73 -0.68 -15.19
O4 MPD V . -26.98 -0.72 -14.47
C5 MPD V . -24.87 0.41 -14.55
C1 MPD W . -18.22 -14.83 -28.73
C2 MPD W . -18.48 -13.94 -27.52
O2 MPD W . -17.25 -13.32 -27.18
CM MPD W . -19.48 -12.82 -27.84
C3 MPD W . -18.93 -14.73 -26.28
C4 MPD W . -20.19 -15.58 -26.42
O4 MPD W . -19.99 -16.84 -25.76
C5 MPD W . -21.42 -14.91 -25.80
C1 MPD X . -15.97 3.60 -20.40
C2 MPD X . -16.75 4.20 -21.56
O2 MPD X . -15.87 5.09 -22.26
CM MPD X . -17.10 3.11 -22.58
C3 MPD X . -17.94 5.02 -21.03
C4 MPD X . -19.36 4.43 -21.04
O4 MPD X . -19.80 4.18 -22.39
C5 MPD X . -19.54 3.16 -20.22
C1 MRD Y . -40.16 -10.71 -2.13
C2 MRD Y . -39.14 -10.96 -1.01
O2 MRD Y . -39.82 -11.47 0.14
CM MRD Y . -38.48 -9.64 -0.58
C3 MRD Y . -38.12 -12.05 -1.37
C4 MRD Y . -37.15 -11.68 -2.50
O4 MRD Y . -37.81 -11.42 -3.74
C5 MRD Y . -36.15 -12.81 -2.69
C ACT Z . 11.90 7.20 7.87
O ACT Z . 11.89 8.26 7.21
OXT ACT Z . 12.30 6.09 7.38
CH3 ACT Z . 11.43 7.21 9.30
C1 GOL AA . -13.43 -12.52 1.14
O1 GOL AA . -14.07 -11.25 1.02
C2 GOL AA . -14.46 -13.57 0.90
O2 GOL AA . -15.57 -13.08 1.63
C3 GOL AA . -14.10 -14.97 1.37
O3 GOL AA . -14.65 -15.94 0.45
#